data_3HW3
#
_entry.id   3HW3
#
_cell.length_a   51.132
_cell.length_b   59.695
_cell.length_c   66.850
_cell.angle_alpha   96.28
_cell.angle_beta   96.65
_cell.angle_gamma   109.44
#
_symmetry.space_group_name_H-M   'P 1'
#
loop_
_entity.id
_entity.type
_entity.pdbx_description
1 polymer 'Polymerase acidic protein'
2 non-polymer 'MAGNESIUM ION'
3 non-polymer "URIDINE-5'-MONOPHOSPHATE"
4 water water
#
_entity_poly.entity_id   1
_entity_poly.type   'polypeptide(L)'
_entity_poly.pdbx_seq_one_letter_code
;GPLGSMEDFVRQCFNPMIVELAEKAMKEYGEDPKIETNKFAAICTHLEVCFMYSDFHFIDERGESTIIESGDPNALLKHR
FEIIEGRDRTMAWTVVNSICNTTGVEKPKFLPDLYDYKENRFIEIGVTRREVHTYYLEKANKIKSEKTHIHIFSFTGEEM
ATKADYTLDEESRARIKTRLFTIRQEMASRGLWDSFRQSERGEETIEERFEITGTMCRLADQSLPPNFSSLEKFRAYVDG
FEPNGCIEGKLSQMSKEVNAR
;
_entity_poly.pdbx_strand_id   A,B,C,D
#
# COMPACT_ATOMS: atom_id res chain seq x y z
N PRO A 2 -31.24 -7.10 -24.80
CA PRO A 2 -30.95 -6.37 -23.56
C PRO A 2 -29.63 -5.60 -23.64
N LEU A 3 -29.56 -4.48 -22.91
CA LEU A 3 -28.34 -3.74 -22.74
C LEU A 3 -27.84 -4.04 -21.34
N GLY A 4 -26.65 -4.63 -21.26
CA GLY A 4 -26.06 -5.01 -19.99
C GLY A 4 -25.33 -3.83 -19.37
N SER A 5 -24.62 -4.08 -18.27
CA SER A 5 -23.84 -3.04 -17.56
C SER A 5 -22.38 -3.19 -17.94
N MET A 6 -21.74 -2.11 -18.37
CA MET A 6 -20.32 -2.19 -18.77
C MET A 6 -19.44 -2.46 -17.55
N GLU A 7 -19.77 -1.83 -16.42
CA GLU A 7 -19.06 -2.15 -15.18
C GLU A 7 -19.07 -3.64 -14.89
N ASP A 8 -20.24 -4.28 -14.96
CA ASP A 8 -20.34 -5.73 -14.76
C ASP A 8 -19.51 -6.54 -15.76
N PHE A 9 -19.57 -6.15 -17.05
CA PHE A 9 -18.74 -6.76 -18.08
C PHE A 9 -17.24 -6.67 -17.73
N VAL A 10 -16.80 -5.44 -17.44
CA VAL A 10 -15.39 -5.20 -17.08
C VAL A 10 -14.88 -6.12 -15.94
N ARG A 11 -15.69 -6.25 -14.89
CA ARG A 11 -15.25 -6.92 -13.67
C ARG A 11 -15.20 -8.42 -13.87
N GLN A 12 -16.05 -8.92 -14.77
CA GLN A 12 -16.14 -10.34 -15.11
C GLN A 12 -15.27 -10.80 -16.26
N CYS A 13 -14.90 -9.88 -17.15
CA CYS A 13 -14.21 -10.31 -18.39
C CYS A 13 -12.77 -9.84 -18.56
N PHE A 14 -12.32 -8.97 -17.66
CA PHE A 14 -10.90 -8.72 -17.49
C PHE A 14 -10.35 -9.40 -16.22
N ASN A 15 -9.10 -9.84 -16.28
CA ASN A 15 -8.30 -10.21 -15.07
C ASN A 15 -8.43 -9.13 -13.98
N PRO A 16 -8.64 -9.53 -12.70
CA PRO A 16 -8.80 -8.58 -11.59
C PRO A 16 -7.62 -7.65 -11.33
N MET A 17 -6.42 -8.12 -11.61
CA MET A 17 -5.20 -7.34 -11.47
C MET A 17 -5.31 -6.21 -12.47
N ILE A 18 -5.72 -6.54 -13.71
CA ILE A 18 -6.03 -5.51 -14.73
C ILE A 18 -7.08 -4.51 -14.23
N VAL A 19 -8.22 -5.02 -13.77
CA VAL A 19 -9.31 -4.15 -13.33
C VAL A 19 -8.87 -3.19 -12.23
N GLU A 20 -8.20 -3.73 -11.22
CA GLU A 20 -7.66 -2.96 -10.09
C GLU A 20 -6.72 -1.84 -10.52
N LEU A 21 -5.78 -2.16 -11.42
CA LEU A 21 -4.86 -1.17 -11.96
C LEU A 21 -5.57 -0.11 -12.76
N ALA A 22 -6.61 -0.54 -13.50
CA ALA A 22 -7.42 0.40 -14.26
C ALA A 22 -8.24 1.33 -13.34
N GLU A 23 -8.74 0.79 -12.22
CA GLU A 23 -9.46 1.63 -11.24
C GLU A 23 -8.55 2.70 -10.63
N LYS A 24 -7.37 2.26 -10.18
CA LYS A 24 -6.31 3.16 -9.68
C LYS A 24 -6.05 4.29 -10.65
N ALA A 25 -5.75 3.93 -11.90
CA ALA A 25 -5.54 4.88 -12.99
C ALA A 25 -6.65 5.93 -13.14
N MET A 26 -7.89 5.51 -12.90
CA MET A 26 -9.04 6.40 -13.07
C MET A 26 -9.28 7.22 -11.81
N LYS A 27 -9.23 6.56 -10.65
CA LYS A 27 -9.35 7.27 -9.37
C LYS A 27 -8.29 8.38 -9.26
N GLU A 28 -7.07 8.10 -9.73
CA GLU A 28 -5.96 9.06 -9.79
C GLU A 28 -6.31 10.34 -10.58
N TYR A 29 -7.13 10.23 -11.62
CA TYR A 29 -7.52 11.43 -12.41
C TYR A 29 -8.95 11.93 -12.21
N GLY A 30 -9.55 11.58 -11.08
CA GLY A 30 -10.85 12.11 -10.69
C GLY A 30 -12.01 11.53 -11.46
N GLU A 31 -11.75 10.43 -12.18
CA GLU A 31 -12.81 9.77 -12.93
C GLU A 31 -13.29 8.60 -12.12
N ASP A 32 -14.60 8.33 -12.21
CA ASP A 32 -15.15 7.24 -11.45
C ASP A 32 -15.42 6.08 -12.40
N PRO A 33 -14.83 4.87 -12.12
CA PRO A 33 -15.04 3.69 -12.96
C PRO A 33 -16.50 3.23 -13.03
N LYS A 34 -17.31 3.63 -12.03
CA LYS A 34 -18.74 3.34 -11.99
C LYS A 34 -19.55 4.24 -12.93
N ILE A 35 -19.00 5.39 -13.25
CA ILE A 35 -19.65 6.38 -14.06
C ILE A 35 -19.12 6.35 -15.51
N GLU A 36 -17.84 6.67 -15.70
CA GLU A 36 -17.18 6.60 -17.01
C GLU A 36 -16.76 5.15 -17.37
N THR A 37 -17.75 4.29 -17.61
CA THR A 37 -17.52 2.86 -17.77
C THR A 37 -16.93 2.48 -19.12
N ASN A 38 -17.31 3.21 -20.18
CA ASN A 38 -16.71 3.00 -21.51
C ASN A 38 -15.19 3.27 -21.43
N LYS A 39 -14.83 4.38 -20.76
CA LYS A 39 -13.41 4.70 -20.52
C LYS A 39 -12.71 3.64 -19.69
N PHE A 40 -13.38 3.19 -18.61
CA PHE A 40 -12.90 2.10 -17.76
C PHE A 40 -12.59 0.87 -18.58
N ALA A 41 -13.51 0.46 -19.47
CA ALA A 41 -13.21 -0.67 -20.36
C ALA A 41 -12.03 -0.42 -21.30
N ALA A 42 -11.96 0.77 -21.89
CA ALA A 42 -10.84 1.14 -22.80
C ALA A 42 -9.51 1.07 -22.06
N ILE A 43 -9.52 1.51 -20.79
CA ILE A 43 -8.31 1.50 -19.95
C ILE A 43 -7.81 0.09 -19.62
N CYS A 44 -8.73 -0.78 -19.19
CA CYS A 44 -8.45 -2.21 -19.02
C CYS A 44 -7.91 -2.83 -20.34
N THR A 45 -8.56 -2.53 -21.45
CA THR A 45 -8.13 -3.09 -22.77
C THR A 45 -6.69 -2.66 -23.03
N HIS A 46 -6.39 -1.37 -22.86
CA HIS A 46 -5.04 -0.88 -23.19
C HIS A 46 -4.03 -1.52 -22.24
N LEU A 47 -4.38 -1.63 -20.96
CA LEU A 47 -3.52 -2.38 -20.02
C LEU A 47 -3.26 -3.82 -20.45
N GLU A 48 -4.30 -4.57 -20.80
CA GLU A 48 -4.10 -5.93 -21.25
C GLU A 48 -3.19 -6.00 -22.48
N VAL A 49 -3.38 -5.10 -23.43
CA VAL A 49 -2.51 -5.07 -24.60
C VAL A 49 -1.08 -4.83 -24.20
N CYS A 50 -0.82 -3.85 -23.33
CA CYS A 50 0.55 -3.62 -22.87
C CYS A 50 1.19 -4.87 -22.27
N PHE A 51 0.43 -5.58 -21.44
CA PHE A 51 0.93 -6.79 -20.81
C PHE A 51 1.10 -7.93 -21.80
N MET A 52 0.25 -8.02 -22.82
CA MET A 52 0.42 -9.03 -23.88
C MET A 52 1.70 -8.79 -24.73
N TYR A 53 1.86 -7.55 -25.15
CA TYR A 53 3.00 -7.08 -25.93
C TYR A 53 4.34 -7.39 -25.23
N SER A 54 4.33 -7.36 -23.89
CA SER A 54 5.56 -7.53 -23.11
C SER A 54 5.73 -8.91 -22.47
N ARG A 80 12.79 -8.85 -22.37
CA ARG A 80 12.96 -7.87 -23.46
C ARG A 80 12.31 -6.52 -23.13
N PHE A 81 11.15 -6.58 -22.50
CA PHE A 81 10.38 -5.35 -22.26
C PHE A 81 10.27 -5.05 -20.79
N GLU A 82 10.35 -3.75 -20.47
CA GLU A 82 10.07 -3.28 -19.12
C GLU A 82 8.69 -2.71 -19.19
N ILE A 83 7.79 -3.09 -18.29
CA ILE A 83 6.49 -2.44 -18.35
C ILE A 83 6.46 -1.13 -17.54
N ILE A 84 5.96 -0.05 -18.16
CA ILE A 84 5.83 1.24 -17.46
C ILE A 84 4.36 1.51 -17.05
N GLU A 85 3.43 1.37 -18.02
CA GLU A 85 2.01 1.46 -17.81
C GLU A 85 1.55 0.58 -16.64
N GLY A 86 0.54 1.02 -15.91
CA GLY A 86 0.03 0.20 -14.79
C GLY A 86 0.66 0.55 -13.44
N ARG A 87 1.90 1.02 -13.46
CA ARG A 87 2.65 1.34 -12.24
C ARG A 87 2.13 2.64 -11.64
N ASP A 88 2.19 2.78 -10.30
CA ASP A 88 2.01 4.07 -9.64
C ASP A 88 2.96 5.03 -10.35
N ARG A 89 2.50 6.27 -10.54
CA ARG A 89 3.21 7.29 -11.28
C ARG A 89 4.60 7.58 -10.72
N THR A 90 4.74 7.46 -9.40
CA THR A 90 6.05 7.66 -8.73
C THR A 90 7.02 6.54 -9.11
N MET A 91 6.55 5.30 -9.02
CA MET A 91 7.33 4.15 -9.45
C MET A 91 7.67 4.18 -10.95
N ALA A 92 6.66 4.56 -11.76
CA ALA A 92 6.79 4.63 -13.24
C ALA A 92 7.88 5.61 -13.63
N TRP A 93 7.87 6.83 -13.08
CA TRP A 93 8.94 7.79 -13.34
C TRP A 93 10.32 7.37 -12.82
N THR A 94 10.36 6.75 -11.64
CA THR A 94 11.56 6.13 -11.08
C THR A 94 12.17 5.08 -12.06
N VAL A 95 11.32 4.18 -12.54
CA VAL A 95 11.75 3.22 -13.56
C VAL A 95 12.22 3.93 -14.82
N VAL A 96 11.46 4.91 -15.33
CA VAL A 96 11.87 5.63 -16.54
C VAL A 96 13.27 6.29 -16.36
N ASN A 97 13.45 7.00 -15.26
CA ASN A 97 14.73 7.70 -14.97
C ASN A 97 15.88 6.76 -14.77
N SER A 98 15.60 5.63 -14.12
CA SER A 98 16.53 4.51 -13.94
C SER A 98 17.05 3.94 -15.28
N ILE A 99 16.14 3.76 -16.23
CA ILE A 99 16.51 3.34 -17.60
C ILE A 99 17.32 4.41 -18.34
N CYS A 100 16.85 5.65 -18.31
CA CYS A 100 17.47 6.76 -19.03
C CYS A 100 18.90 7.06 -18.61
N ASN A 101 19.31 6.51 -17.47
CA ASN A 101 20.66 6.74 -17.05
C ASN A 101 21.47 5.48 -16.71
N THR A 102 20.83 4.30 -16.84
CA THR A 102 21.59 3.06 -17.01
C THR A 102 22.03 3.04 -18.47
N THR A 103 21.13 3.51 -19.33
CA THR A 103 21.39 3.64 -20.77
C THR A 103 21.77 5.10 -20.99
N GLY A 104 21.21 5.76 -21.99
CA GLY A 104 21.49 7.16 -22.19
C GLY A 104 20.43 7.66 -23.14
N VAL A 105 19.36 6.87 -23.26
CA VAL A 105 18.19 7.25 -24.04
C VAL A 105 17.64 8.58 -23.55
N GLU A 106 17.20 9.44 -24.46
CA GLU A 106 16.51 10.67 -24.12
C GLU A 106 15.30 10.39 -23.20
N LYS A 107 15.14 11.22 -22.17
CA LYS A 107 14.00 11.07 -21.23
C LYS A 107 12.73 11.56 -21.91
N PRO A 108 11.68 10.71 -21.95
CA PRO A 108 10.39 11.15 -22.50
C PRO A 108 9.72 12.26 -21.67
N LYS A 109 9.00 13.15 -22.36
CA LYS A 109 8.18 14.17 -21.72
C LYS A 109 6.87 13.64 -21.09
N PHE A 110 6.35 12.54 -21.59
CA PHE A 110 5.15 11.93 -21.00
C PHE A 110 5.52 10.51 -20.65
N LEU A 111 4.88 9.93 -19.64
CA LEU A 111 5.19 8.55 -19.31
C LEU A 111 4.79 7.66 -20.52
N PRO A 112 5.74 6.82 -21.03
CA PRO A 112 5.39 5.85 -22.09
C PRO A 112 4.75 4.61 -21.49
N ASP A 113 4.52 3.60 -22.31
CA ASP A 113 3.96 2.35 -21.87
C ASP A 113 4.97 1.27 -21.58
N LEU A 114 6.04 1.20 -22.39
CA LEU A 114 7.05 0.16 -22.18
C LEU A 114 8.43 0.69 -22.54
N TYR A 115 9.41 -0.08 -22.13
CA TYR A 115 10.79 0.04 -22.65
C TYR A 115 11.23 -1.26 -23.30
N ASP A 116 11.79 -1.13 -24.48
CA ASP A 116 12.30 -2.24 -25.25
C ASP A 116 13.82 -2.26 -25.08
N TYR A 117 14.31 -3.22 -24.30
CA TYR A 117 15.77 -3.38 -24.05
C TYR A 117 16.54 -3.86 -25.28
N LYS A 118 15.85 -4.52 -26.21
CA LYS A 118 16.52 -5.00 -27.42
C LYS A 118 16.78 -3.82 -28.34
N GLU A 119 15.72 -3.06 -28.62
CA GLU A 119 15.85 -1.94 -29.54
C GLU A 119 16.24 -0.63 -28.87
N ASN A 120 16.43 -0.68 -27.54
CA ASN A 120 16.82 0.47 -26.68
C ASN A 120 15.92 1.70 -26.94
N ARG A 121 14.61 1.51 -26.72
CA ARG A 121 13.67 2.60 -26.96
C ARG A 121 12.39 2.42 -26.16
N PHE A 122 11.79 3.55 -25.81
CA PHE A 122 10.49 3.53 -25.14
C PHE A 122 9.46 3.34 -26.23
N ILE A 123 8.32 2.78 -25.82
CA ILE A 123 7.20 2.52 -26.73
C ILE A 123 5.90 3.06 -26.13
N GLU A 124 5.16 3.83 -26.93
CA GLU A 124 3.76 4.19 -26.62
C GLU A 124 2.80 3.24 -27.32
N ILE A 125 1.86 2.69 -26.55
CA ILE A 125 0.95 1.70 -27.12
C ILE A 125 -0.40 2.36 -27.21
N GLY A 126 -1.08 2.24 -28.35
CA GLY A 126 -2.45 2.74 -28.44
C GLY A 126 -3.42 1.65 -28.83
N VAL A 127 -4.62 1.69 -28.27
CA VAL A 127 -5.75 0.85 -28.72
C VAL A 127 -6.93 1.78 -28.99
N THR A 128 -7.43 1.78 -30.21
CA THR A 128 -8.40 2.79 -30.62
C THR A 128 -9.62 2.14 -31.23
N ARG A 129 -10.74 2.80 -31.04
CA ARG A 129 -11.93 2.39 -31.76
C ARG A 129 -12.17 3.36 -32.90
N ARG A 130 -11.26 4.32 -33.07
CA ARG A 130 -11.34 5.22 -34.24
C ARG A 130 -10.39 4.78 -35.37
N GLU A 131 -10.23 5.61 -36.41
CA GLU A 131 -9.27 5.37 -37.49
C GLU A 131 -7.82 5.34 -36.99
N VAL A 132 -7.07 4.29 -37.31
CA VAL A 132 -5.73 4.15 -36.72
C VAL A 132 -4.78 5.25 -37.07
N HIS A 133 -4.87 5.78 -38.29
CA HIS A 133 -3.98 6.90 -38.69
C HIS A 133 -4.27 8.14 -37.88
N THR A 134 -5.57 8.39 -37.65
CA THR A 134 -6.01 9.51 -36.81
C THR A 134 -5.39 9.44 -35.44
N TYR A 135 -5.55 8.28 -34.80
CA TYR A 135 -5.06 8.08 -33.46
C TYR A 135 -3.53 8.16 -33.42
N TYR A 136 -2.89 7.50 -34.37
CA TYR A 136 -1.43 7.50 -34.47
C TYR A 136 -0.85 8.90 -34.43
N LEU A 137 -1.38 9.79 -35.28
CA LEU A 137 -0.84 11.13 -35.36
C LEU A 137 -1.18 11.97 -34.14
N GLU A 138 -2.34 11.75 -33.55
CA GLU A 138 -2.65 12.37 -32.29
C GLU A 138 -1.57 12.04 -31.29
N LYS A 139 -1.20 10.77 -31.23
CA LYS A 139 -0.20 10.32 -30.29
C LYS A 139 1.17 10.90 -30.65
N ALA A 140 1.56 10.82 -31.92
CA ALA A 140 2.78 11.47 -32.37
C ALA A 140 2.80 12.95 -31.97
N ASN A 141 1.71 13.66 -32.19
CA ASN A 141 1.68 15.10 -31.94
C ASN A 141 1.72 15.47 -30.45
N LYS A 142 1.21 14.58 -29.60
CA LYS A 142 1.27 14.80 -28.17
C LYS A 142 2.68 14.62 -27.63
N ILE A 143 3.25 13.45 -27.89
CA ILE A 143 4.55 13.12 -27.33
C ILE A 143 5.76 13.90 -27.94
N LYS A 144 5.64 14.37 -29.17
CA LYS A 144 6.69 15.20 -29.82
C LYS A 144 8.09 14.66 -29.58
N SER A 145 8.32 13.42 -29.98
CA SER A 145 9.54 12.72 -29.72
C SER A 145 10.03 12.12 -31.02
N GLU A 146 11.31 12.17 -31.28
CA GLU A 146 11.84 11.46 -32.44
C GLU A 146 12.41 10.08 -32.09
N LYS A 147 12.30 9.71 -30.82
CA LYS A 147 12.91 8.49 -30.33
C LYS A 147 11.90 7.47 -29.79
N THR A 148 10.74 7.95 -29.33
CA THR A 148 9.76 7.05 -28.78
C THR A 148 8.97 6.37 -29.91
N HIS A 149 8.94 5.05 -29.87
CA HIS A 149 8.18 4.25 -30.87
C HIS A 149 6.67 4.24 -30.53
N ILE A 150 5.81 4.31 -31.54
CA ILE A 150 4.36 4.28 -31.33
C ILE A 150 3.81 3.06 -32.08
N HIS A 151 2.97 2.28 -31.39
CA HIS A 151 2.33 1.11 -32.01
C HIS A 151 0.85 1.08 -31.66
N ILE A 152 -0.01 1.27 -32.67
CA ILE A 152 -1.45 1.45 -32.47
C ILE A 152 -2.15 0.19 -32.96
N PHE A 153 -3.12 -0.27 -32.19
CA PHE A 153 -3.95 -1.41 -32.56
C PHE A 153 -5.42 -0.94 -32.62
N SER A 154 -6.22 -1.49 -33.54
CA SER A 154 -7.64 -1.16 -33.57
C SER A 154 -8.43 -2.41 -33.30
N PHE A 155 -9.69 -2.22 -32.86
CA PHE A 155 -10.60 -3.36 -32.74
C PHE A 155 -11.00 -4.00 -34.06
N THR A 156 -10.48 -3.46 -35.17
CA THR A 156 -10.74 -4.01 -36.50
C THR A 156 -9.69 -5.00 -36.98
N GLY A 157 -8.53 -5.01 -36.34
CA GLY A 157 -7.40 -5.82 -36.83
C GLY A 157 -6.35 -4.95 -37.51
N GLU A 158 -6.71 -3.71 -37.82
CA GLU A 158 -5.72 -2.78 -38.38
C GLU A 158 -4.70 -2.39 -37.30
N GLU A 159 -3.47 -2.13 -37.70
CA GLU A 159 -2.43 -1.65 -36.83
C GLU A 159 -1.54 -0.69 -37.58
N MET A 160 -0.81 0.15 -36.84
CA MET A 160 0.13 1.09 -37.44
C MET A 160 1.26 1.31 -36.49
N ALA A 161 2.50 1.20 -36.98
CA ALA A 161 3.65 1.36 -36.11
C ALA A 161 4.71 2.24 -36.73
N THR A 162 5.45 2.96 -35.88
CA THR A 162 6.45 3.93 -36.32
C THR A 162 7.42 3.33 -37.35
N LYS A 163 7.58 3.99 -38.51
CA LYS A 163 8.58 3.58 -39.52
C LYS A 163 8.31 2.19 -40.05
N ALA A 164 7.05 1.75 -39.94
CA ALA A 164 6.63 0.44 -40.41
C ALA A 164 7.50 -0.65 -39.80
N ASP A 165 7.97 -0.38 -38.58
CA ASP A 165 8.70 -1.32 -37.72
C ASP A 165 7.74 -1.81 -36.63
N TYR A 166 7.29 -3.05 -36.78
CA TYR A 166 6.21 -3.62 -35.98
C TYR A 166 6.72 -4.33 -34.72
N THR A 167 8.03 -4.36 -34.53
CA THR A 167 8.68 -4.89 -33.27
C THR A 167 8.46 -6.38 -32.97
N LEU A 168 7.19 -6.78 -32.80
CA LEU A 168 6.87 -8.19 -32.58
C LEU A 168 6.63 -8.99 -33.88
N ASP A 169 6.76 -10.31 -33.81
CA ASP A 169 6.48 -11.16 -34.96
C ASP A 169 5.00 -11.25 -35.24
N GLU A 170 4.67 -11.73 -36.44
CA GLU A 170 3.29 -11.85 -36.90
C GLU A 170 2.38 -12.48 -35.86
N GLU A 171 2.84 -13.62 -35.30
CA GLU A 171 2.10 -14.45 -34.34
C GLU A 171 1.70 -13.72 -33.07
N SER A 172 2.67 -13.07 -32.45
CA SER A 172 2.46 -12.23 -31.29
C SER A 172 1.43 -11.10 -31.57
N ARG A 173 1.53 -10.45 -32.73
CA ARG A 173 0.57 -9.37 -33.00
C ARG A 173 -0.84 -9.90 -33.34
N ALA A 174 -0.89 -11.04 -34.03
CA ALA A 174 -2.18 -11.67 -34.34
C ALA A 174 -2.92 -12.10 -33.05
N ARG A 175 -2.19 -12.58 -32.05
CA ARG A 175 -2.74 -12.88 -30.72
C ARG A 175 -3.33 -11.64 -30.04
N ILE A 176 -2.64 -10.52 -30.11
CA ILE A 176 -3.24 -9.24 -29.64
C ILE A 176 -4.56 -8.91 -30.37
N LYS A 177 -4.52 -8.89 -31.70
CA LYS A 177 -5.69 -8.57 -32.51
C LYS A 177 -6.85 -9.54 -32.24
N THR A 178 -6.53 -10.82 -31.96
CA THR A 178 -7.53 -11.83 -31.60
C THR A 178 -8.24 -11.58 -30.26
N ARG A 179 -7.45 -11.19 -29.26
CA ARG A 179 -7.99 -10.75 -28.00
C ARG A 179 -8.88 -9.52 -28.16
N LEU A 180 -8.47 -8.57 -29.02
CA LEU A 180 -9.35 -7.42 -29.28
C LEU A 180 -10.69 -7.86 -29.89
N PHE A 181 -10.67 -8.81 -30.82
CA PHE A 181 -11.92 -9.37 -31.36
C PHE A 181 -12.76 -10.05 -30.28
N THR A 182 -12.14 -10.83 -29.37
CA THR A 182 -12.89 -11.43 -28.26
C THR A 182 -13.57 -10.38 -27.39
N ILE A 183 -12.85 -9.31 -27.03
CA ILE A 183 -13.43 -8.24 -26.24
C ILE A 183 -14.64 -7.62 -26.93
N ARG A 184 -14.45 -7.24 -28.20
CA ARG A 184 -15.51 -6.66 -28.98
C ARG A 184 -16.74 -7.57 -29.05
N GLN A 185 -16.51 -8.87 -29.27
CA GLN A 185 -17.65 -9.76 -29.48
C GLN A 185 -18.39 -9.99 -28.17
N GLU A 186 -17.63 -10.05 -27.07
CA GLU A 186 -18.18 -10.17 -25.72
C GLU A 186 -19.01 -8.94 -25.35
N MET A 187 -18.49 -7.76 -25.65
CA MET A 187 -19.25 -6.54 -25.52
C MET A 187 -20.54 -6.63 -26.35
N ALA A 188 -20.42 -7.03 -27.63
CA ALA A 188 -21.62 -7.10 -28.49
C ALA A 188 -22.69 -8.00 -27.87
N SER A 189 -22.27 -9.13 -27.30
CA SER A 189 -23.10 -10.13 -26.63
C SER A 189 -24.04 -9.50 -25.59
N ARG A 190 -23.51 -8.48 -24.92
CA ARG A 190 -24.17 -7.79 -23.82
C ARG A 190 -24.75 -6.45 -24.29
N GLY A 191 -24.70 -6.14 -25.58
CA GLY A 191 -25.30 -4.89 -26.06
C GLY A 191 -24.46 -3.64 -25.75
N LEU A 192 -23.18 -3.87 -25.47
CA LEU A 192 -22.22 -2.85 -25.00
C LEU A 192 -21.36 -2.23 -26.10
N TRP A 193 -21.27 -2.91 -27.25
CA TRP A 193 -20.29 -2.50 -28.27
C TRP A 193 -20.71 -1.20 -28.94
N ASP A 194 -21.98 -1.10 -29.27
CA ASP A 194 -22.48 0.11 -29.91
C ASP A 194 -22.04 1.42 -29.28
N SER A 195 -22.31 1.54 -27.99
CA SER A 195 -21.87 2.72 -27.25
C SER A 195 -20.35 2.80 -27.10
N PHE A 196 -19.71 1.68 -26.74
CA PHE A 196 -18.28 1.66 -26.55
C PHE A 196 -17.52 2.14 -27.80
N ARG A 197 -17.92 1.64 -28.95
CA ARG A 197 -17.29 1.96 -30.24
C ARG A 197 -17.46 3.43 -30.63
N GLN A 198 -18.51 4.09 -30.13
CA GLN A 198 -18.90 5.46 -30.53
C GLN A 198 -18.40 6.52 -29.59
N SER A 199 -17.76 6.12 -28.50
CA SER A 199 -17.53 7.06 -27.38
C SER A 199 -16.09 7.55 -27.20
N GLU A 200 -15.21 7.22 -28.13
CA GLU A 200 -13.82 7.62 -27.95
C GLU A 200 -13.60 9.04 -28.41
N ARG A 201 -13.05 9.86 -27.53
CA ARG A 201 -12.68 11.19 -27.97
C ARG A 201 -11.15 11.36 -27.97
N GLY A 202 -10.69 12.40 -28.64
CA GLY A 202 -9.29 12.79 -28.58
C GLY A 202 -8.91 13.09 -27.14
N GLU A 203 -7.68 12.75 -26.82
CA GLU A 203 -7.11 12.87 -25.48
C GLU A 203 -6.84 14.32 -25.07
N LEU B 3 33.45 23.03 6.24
CA LEU B 3 32.93 22.65 4.87
C LEU B 3 33.04 21.15 4.61
N GLY B 4 32.17 20.43 5.30
CA GLY B 4 32.16 18.96 5.31
C GLY B 4 30.71 18.56 5.21
N SER B 5 30.48 17.38 4.64
CA SER B 5 29.40 17.11 3.66
C SER B 5 27.92 17.28 4.06
N MET B 6 27.18 17.83 3.11
CA MET B 6 25.73 17.95 3.26
C MET B 6 25.07 16.57 3.29
N GLU B 7 25.55 15.62 2.49
CA GLU B 7 24.92 14.30 2.52
C GLU B 7 25.02 13.66 3.92
N ASP B 8 26.23 13.69 4.51
CA ASP B 8 26.41 13.20 5.90
C ASP B 8 25.48 13.90 6.89
N PHE B 9 25.35 15.23 6.76
CA PHE B 9 24.47 16.00 7.67
C PHE B 9 23.02 15.52 7.59
N VAL B 10 22.50 15.48 6.38
CA VAL B 10 21.10 15.02 6.11
C VAL B 10 20.85 13.64 6.72
N ARG B 11 21.77 12.72 6.49
CA ARG B 11 21.59 11.32 6.94
C ARG B 11 21.67 11.11 8.44
N GLN B 12 22.34 12.06 9.13
CA GLN B 12 22.42 12.07 10.59
C GLN B 12 21.32 12.93 11.26
N CYS B 13 20.93 14.03 10.61
CA CYS B 13 19.99 15.05 11.15
C CYS B 13 18.52 14.63 11.09
N PHE B 14 18.14 13.96 10.02
CA PHE B 14 16.72 13.56 9.80
C PHE B 14 16.46 12.13 10.09
N ASN B 15 15.23 11.84 10.51
CA ASN B 15 14.83 10.50 10.83
C ASN B 15 14.94 9.65 9.57
N PRO B 16 15.33 8.37 9.70
CA PRO B 16 15.52 7.50 8.54
C PRO B 16 14.29 7.37 7.63
N MET B 17 13.10 7.39 8.21
CA MET B 17 11.83 7.37 7.47
C MET B 17 11.73 8.59 6.56
N ILE B 18 12.12 9.76 7.07
CA ILE B 18 12.09 10.98 6.25
C ILE B 18 13.15 10.94 5.15
N VAL B 19 14.34 10.47 5.50
CA VAL B 19 15.44 10.33 4.51
C VAL B 19 14.96 9.39 3.37
N GLU B 20 14.29 8.31 3.74
CA GLU B 20 13.82 7.37 2.73
C GLU B 20 12.82 7.99 1.77
N LEU B 21 11.87 8.75 2.32
CA LEU B 21 10.87 9.48 1.51
C LEU B 21 11.50 10.52 0.60
N ALA B 22 12.53 11.20 1.12
CA ALA B 22 13.31 12.15 0.30
C ALA B 22 14.02 11.46 -0.86
N GLU B 23 14.72 10.36 -0.59
CA GLU B 23 15.33 9.53 -1.63
C GLU B 23 14.31 9.09 -2.72
N LYS B 24 13.13 8.66 -2.30
CA LYS B 24 12.07 8.24 -3.24
C LYS B 24 11.68 9.42 -4.15
N ALA B 25 11.47 10.59 -3.55
CA ALA B 25 11.12 11.80 -4.32
C ALA B 25 12.20 12.20 -5.35
N MET B 26 13.45 12.17 -4.92
CA MET B 26 14.58 12.48 -5.80
C MET B 26 14.74 11.50 -6.96
N LYS B 27 14.68 10.22 -6.65
CA LYS B 27 14.68 9.17 -7.67
C LYS B 27 13.55 9.26 -8.70
N GLU B 28 12.36 9.70 -8.29
CA GLU B 28 11.24 9.96 -9.20
C GLU B 28 11.63 10.93 -10.32
N TYR B 29 12.58 11.83 -10.03
CA TYR B 29 13.10 12.76 -11.02
C TYR B 29 14.49 12.42 -11.55
N GLY B 30 15.04 11.29 -11.14
CA GLY B 30 16.34 10.86 -11.63
C GLY B 30 17.45 11.71 -11.02
N GLU B 31 17.20 12.27 -9.83
CA GLU B 31 18.28 12.94 -9.10
C GLU B 31 18.83 12.05 -8.01
N ASP B 32 20.13 12.19 -7.79
CA ASP B 32 20.83 11.39 -6.82
C ASP B 32 21.05 12.22 -5.55
N PRO B 33 20.49 11.74 -4.40
CA PRO B 33 20.70 12.40 -3.11
C PRO B 33 22.20 12.71 -2.77
N LYS B 34 23.11 11.83 -3.22
CA LYS B 34 24.59 11.97 -3.10
C LYS B 34 25.15 13.16 -3.87
N ILE B 35 24.43 13.52 -4.90
CA ILE B 35 24.87 14.55 -5.84
C ILE B 35 24.15 15.87 -5.55
N GLU B 36 22.81 15.88 -5.63
CA GLU B 36 22.04 17.10 -5.43
C GLU B 36 21.75 17.25 -3.95
N THR B 37 22.81 17.50 -3.17
CA THR B 37 22.69 17.42 -1.69
C THR B 37 21.93 18.58 -1.04
N ASN B 38 21.99 19.79 -1.64
CA ASN B 38 21.14 20.89 -1.13
C ASN B 38 19.67 20.59 -1.36
N LYS B 39 19.35 19.98 -2.50
CA LYS B 39 17.98 19.47 -2.79
C LYS B 39 17.52 18.42 -1.77
N PHE B 40 18.39 17.44 -1.53
CA PHE B 40 18.16 16.35 -0.56
C PHE B 40 17.77 16.97 0.81
N ALA B 41 18.61 17.90 1.31
CA ALA B 41 18.29 18.68 2.54
C ALA B 41 16.97 19.42 2.51
N ALA B 42 16.71 20.16 1.42
CA ALA B 42 15.46 20.93 1.34
C ALA B 42 14.25 20.00 1.33
N ILE B 43 14.36 18.88 0.63
CA ILE B 43 13.24 17.91 0.61
C ILE B 43 12.96 17.28 1.99
N CYS B 44 14.06 16.93 2.69
CA CYS B 44 13.96 16.37 4.04
C CYS B 44 13.33 17.40 5.00
N THR B 45 13.76 18.65 4.89
CA THR B 45 13.20 19.73 5.72
C THR B 45 11.71 19.92 5.47
N HIS B 46 11.31 20.02 4.21
CA HIS B 46 9.89 20.13 3.87
C HIS B 46 9.08 18.94 4.37
N LEU B 47 9.63 17.74 4.21
CA LEU B 47 8.94 16.56 4.67
C LEU B 47 8.73 16.58 6.20
N GLU B 48 9.80 16.86 6.94
CA GLU B 48 9.70 16.91 8.39
C GLU B 48 8.74 18.00 8.87
N VAL B 49 8.73 19.16 8.20
CA VAL B 49 7.76 20.19 8.54
C VAL B 49 6.31 19.72 8.35
N CYS B 50 6.03 19.04 7.22
CA CYS B 50 4.68 18.52 6.97
C CYS B 50 4.22 17.50 8.03
N PHE B 51 5.13 16.58 8.41
CA PHE B 51 4.85 15.63 9.50
C PHE B 51 4.63 16.30 10.87
N MET B 52 5.50 17.26 11.21
CA MET B 52 5.28 18.12 12.40
C MET B 52 3.97 18.86 12.38
N TYR B 53 3.67 19.51 11.25
CA TYR B 53 2.46 20.31 11.13
C TYR B 53 1.22 19.48 11.43
N SER B 54 1.26 18.19 11.06
CA SER B 54 0.10 17.33 11.20
C SER B 54 0.14 16.43 12.45
N ASP B 55 1.28 16.42 13.16
CA ASP B 55 1.54 15.51 14.30
C ASP B 55 0.55 15.79 15.44
N PHE B 56 -0.18 14.76 15.87
CA PHE B 56 -0.90 14.82 17.14
C PHE B 56 -1.88 15.99 17.24
N HIS B 57 -2.58 16.29 16.15
CA HIS B 57 -3.68 17.25 16.15
C HIS B 57 -4.95 16.47 15.86
N PHE B 58 -6.01 16.70 16.64
CA PHE B 58 -7.24 15.86 16.52
C PHE B 58 -8.52 16.65 16.41
N HIS B 79 -7.93 12.54 13.19
CA HIS B 79 -6.60 13.15 13.35
C HIS B 79 -6.40 14.61 12.86
N ARG B 80 -7.43 15.26 12.41
CA ARG B 80 -7.34 16.61 11.84
C ARG B 80 -6.77 16.71 10.43
N PHE B 81 -5.55 16.19 10.23
CA PHE B 81 -4.90 16.34 8.91
C PHE B 81 -4.75 14.99 8.24
N GLU B 82 -5.02 14.95 6.95
CA GLU B 82 -4.54 13.88 6.08
C GLU B 82 -3.20 14.32 5.45
N ILE B 83 -2.16 13.50 5.55
CA ILE B 83 -0.88 13.86 4.94
C ILE B 83 -0.90 13.41 3.45
N ILE B 84 -0.56 14.31 2.54
CA ILE B 84 -0.58 14.03 1.09
C ILE B 84 0.86 13.94 0.57
N GLU B 85 1.70 14.84 1.06
CA GLU B 85 3.12 14.84 0.76
C GLU B 85 3.77 13.53 1.22
N GLY B 86 4.76 13.11 0.45
CA GLY B 86 5.54 11.91 0.75
C GLY B 86 4.91 10.64 0.20
N ARG B 87 3.64 10.66 -0.15
CA ARG B 87 3.08 9.41 -0.75
C ARG B 87 3.41 9.36 -2.21
N ASP B 88 3.40 8.15 -2.76
CA ASP B 88 3.45 7.98 -4.19
C ASP B 88 2.34 8.81 -4.79
N ARG B 89 2.62 9.44 -5.92
CA ARG B 89 1.72 10.44 -6.49
C ARG B 89 0.39 9.86 -6.99
N THR B 90 0.41 8.61 -7.46
CA THR B 90 -0.90 7.97 -7.82
C THR B 90 -1.77 7.80 -6.55
N MET B 91 -1.17 7.30 -5.48
CA MET B 91 -1.83 7.25 -4.17
C MET B 91 -2.25 8.64 -3.63
N ALA B 92 -1.36 9.61 -3.74
CA ALA B 92 -1.65 10.97 -3.32
C ALA B 92 -2.89 11.50 -4.04
N TRP B 93 -2.91 11.36 -5.36
CA TRP B 93 -4.05 11.86 -6.13
C TRP B 93 -5.29 11.09 -5.80
N THR B 94 -5.16 9.82 -5.48
CA THR B 94 -6.39 9.07 -5.13
C THR B 94 -6.97 9.49 -3.75
N VAL B 95 -6.11 9.87 -2.81
CA VAL B 95 -6.64 10.42 -1.54
C VAL B 95 -7.26 11.80 -1.71
N VAL B 96 -6.62 12.64 -2.52
CA VAL B 96 -7.15 13.95 -2.88
C VAL B 96 -8.54 13.83 -3.51
N ASN B 97 -8.66 12.89 -4.44
CA ASN B 97 -9.91 12.61 -5.11
C ASN B 97 -10.99 12.03 -4.17
N SER B 98 -10.64 11.07 -3.34
CA SER B 98 -11.55 10.52 -2.31
C SER B 98 -12.07 11.60 -1.32
N ILE B 99 -11.17 12.47 -0.88
CA ILE B 99 -11.53 13.58 -0.02
C ILE B 99 -12.48 14.52 -0.74
N CYS B 100 -12.14 14.95 -1.96
CA CYS B 100 -12.97 15.85 -2.74
C CYS B 100 -14.36 15.30 -3.04
N ASN B 101 -14.45 13.99 -3.23
CA ASN B 101 -15.76 13.37 -3.47
C ASN B 101 -16.58 13.04 -2.21
N THR B 102 -15.91 12.89 -1.05
CA THR B 102 -16.63 12.78 0.24
C THR B 102 -17.13 14.17 0.70
N THR B 103 -16.18 15.07 0.90
CA THR B 103 -16.52 16.45 1.14
C THR B 103 -16.91 16.88 -0.28
N GLY B 104 -17.31 18.11 -0.49
CA GLY B 104 -17.55 18.52 -1.87
C GLY B 104 -16.58 19.60 -2.22
N VAL B 105 -15.38 19.51 -1.62
CA VAL B 105 -14.29 20.45 -1.88
C VAL B 105 -13.83 20.39 -3.35
N GLU B 106 -13.57 21.55 -3.94
CA GLU B 106 -13.01 21.64 -5.29
C GLU B 106 -11.63 20.93 -5.36
N LYS B 107 -11.46 20.08 -6.39
CA LYS B 107 -10.18 19.41 -6.70
C LYS B 107 -9.05 20.40 -7.01
N PRO B 108 -7.92 20.31 -6.27
CA PRO B 108 -6.78 21.18 -6.59
C PRO B 108 -6.12 20.75 -7.91
N LYS B 109 -5.51 21.69 -8.62
CA LYS B 109 -4.80 21.38 -9.87
C LYS B 109 -3.46 20.67 -9.66
N PHE B 110 -2.73 21.11 -8.63
CA PHE B 110 -1.44 20.53 -8.24
C PHE B 110 -1.62 19.79 -6.90
N LEU B 111 -0.88 18.70 -6.66
CA LEU B 111 -1.02 17.98 -5.37
C LEU B 111 -0.62 18.92 -4.24
N PRO B 112 -1.49 19.07 -3.23
CA PRO B 112 -1.12 19.86 -2.06
C PRO B 112 -0.39 18.98 -1.05
N ASP B 113 -0.15 19.51 0.14
CA ASP B 113 0.65 18.80 1.13
C ASP B 113 -0.16 18.09 2.22
N LEU B 114 -1.22 18.74 2.66
CA LEU B 114 -2.14 18.21 3.69
C LEU B 114 -3.56 18.48 3.31
N TYR B 115 -4.47 17.75 3.95
CA TYR B 115 -5.85 18.18 4.00
C TYR B 115 -6.22 18.40 5.47
N ASP B 116 -6.84 19.54 5.75
CA ASP B 116 -7.28 19.91 7.10
C ASP B 116 -8.79 19.60 7.18
N TYR B 117 -9.11 18.56 7.93
CA TYR B 117 -10.47 18.10 8.11
C TYR B 117 -11.33 19.03 9.00
N LYS B 118 -10.69 19.88 9.79
CA LYS B 118 -11.44 20.82 10.64
C LYS B 118 -11.91 22.01 9.80
N GLU B 119 -10.97 22.60 9.06
CA GLU B 119 -11.25 23.77 8.22
C GLU B 119 -11.75 23.39 6.83
N ASN B 120 -11.73 22.09 6.54
CA ASN B 120 -12.09 21.54 5.23
C ASN B 120 -11.47 22.21 4.03
N ARG B 121 -10.14 22.12 4.00
CA ARG B 121 -9.40 22.73 2.92
C ARG B 121 -8.03 22.04 2.83
N PHE B 122 -7.49 22.04 1.63
CA PHE B 122 -6.13 21.55 1.42
C PHE B 122 -5.16 22.63 1.83
N ILE B 123 -3.92 22.22 2.15
CA ILE B 123 -2.90 23.15 2.59
C ILE B 123 -1.64 22.86 1.80
N GLU B 124 -1.03 23.92 1.32
CA GLU B 124 0.32 23.85 0.77
C GLU B 124 1.30 24.42 1.81
N ILE B 125 2.30 23.61 2.17
CA ILE B 125 3.37 23.97 3.10
C ILE B 125 4.66 24.40 2.36
N GLY B 126 5.20 25.56 2.70
CA GLY B 126 6.46 25.95 2.11
C GLY B 126 7.45 26.20 3.20
N VAL B 127 8.72 25.92 2.92
CA VAL B 127 9.78 26.24 3.81
C VAL B 127 10.81 26.96 2.97
N THR B 128 11.27 28.14 3.42
CA THR B 128 12.18 28.94 2.60
C THR B 128 13.41 29.37 3.40
N ARG B 129 14.57 29.41 2.76
CA ARG B 129 15.75 29.98 3.41
C ARG B 129 15.91 31.48 3.14
N ARG B 130 14.94 32.04 2.40
CA ARG B 130 14.85 33.48 2.13
C ARG B 130 13.58 34.11 2.74
N GLU B 131 12.97 35.08 2.07
CA GLU B 131 11.90 35.89 2.70
C GLU B 131 10.57 35.20 2.52
N VAL B 132 9.74 35.19 3.57
CA VAL B 132 8.45 34.48 3.49
C VAL B 132 7.49 35.07 2.47
N HIS B 133 7.41 36.41 2.40
CA HIS B 133 6.56 37.12 1.44
C HIS B 133 6.81 36.62 0.03
N THR B 134 8.07 36.58 -0.39
CA THR B 134 8.39 36.16 -1.77
C THR B 134 8.04 34.68 -2.03
N TYR B 135 8.41 33.81 -1.09
CA TYR B 135 8.07 32.40 -1.21
C TYR B 135 6.56 32.15 -1.18
N TYR B 136 5.82 32.93 -0.38
CA TYR B 136 4.35 32.84 -0.41
C TYR B 136 3.82 33.09 -1.82
N LEU B 137 4.25 34.20 -2.41
CA LEU B 137 3.81 34.55 -3.74
C LEU B 137 4.21 33.51 -4.80
N GLU B 138 5.45 32.99 -4.73
CA GLU B 138 5.85 31.89 -5.62
C GLU B 138 4.86 30.76 -5.56
N LYS B 139 4.56 30.33 -4.34
CA LYS B 139 3.65 29.23 -4.11
C LYS B 139 2.26 29.55 -4.64
N ALA B 140 1.79 30.76 -4.38
CA ALA B 140 0.47 31.23 -4.79
C ALA B 140 0.32 31.22 -6.32
N ASN B 141 1.42 31.49 -6.99
CA ASN B 141 1.39 31.60 -8.44
C ASN B 141 1.62 30.28 -9.17
N LYS B 142 2.27 29.33 -8.51
CA LYS B 142 2.35 27.96 -9.04
C LYS B 142 0.96 27.30 -9.02
N ILE B 143 0.27 27.34 -7.88
CA ILE B 143 -1.00 26.60 -7.72
C ILE B 143 -2.28 27.35 -8.12
N LYS B 144 -2.17 28.67 -8.31
CA LYS B 144 -3.36 29.54 -8.40
C LYS B 144 -4.28 29.27 -7.20
N SER B 145 -3.65 29.05 -6.03
CA SER B 145 -4.32 28.50 -4.82
C SER B 145 -5.85 28.58 -4.81
N GLU B 146 -6.37 29.80 -4.81
CA GLU B 146 -7.78 30.11 -4.47
C GLU B 146 -8.24 29.45 -3.17
N LYS B 147 -8.76 28.22 -3.26
CA LYS B 147 -9.26 27.49 -2.08
C LYS B 147 -8.15 26.80 -1.27
N THR B 148 -7.01 26.52 -1.92
CA THR B 148 -5.89 25.87 -1.21
C THR B 148 -5.18 26.87 -0.29
N HIS B 149 -5.12 26.54 1.00
CA HIS B 149 -4.45 27.42 1.96
C HIS B 149 -2.94 27.29 1.79
N ILE B 150 -2.21 28.35 2.08
CA ILE B 150 -0.76 28.28 1.96
C ILE B 150 -0.18 28.72 3.27
N HIS B 151 0.73 27.89 3.84
CA HIS B 151 1.45 28.24 5.05
C HIS B 151 2.97 28.14 4.79
N ILE B 152 3.63 29.26 4.96
CA ILE B 152 5.08 29.39 4.70
C ILE B 152 5.86 29.60 6.01
N PHE B 153 6.98 28.89 6.15
CA PHE B 153 7.92 29.01 7.27
C PHE B 153 9.30 29.36 6.73
N SER B 154 10.07 30.16 7.47
CA SER B 154 11.45 30.41 7.09
C SER B 154 12.35 29.79 8.16
N PHE B 155 13.65 29.72 7.91
CA PHE B 155 14.60 29.16 8.89
C PHE B 155 14.91 30.15 9.98
N THR B 156 14.68 31.41 9.65
CA THR B 156 14.91 32.54 10.55
C THR B 156 13.75 32.75 11.54
N GLY B 157 12.65 31.99 11.38
CA GLY B 157 11.57 31.98 12.39
C GLY B 157 10.30 32.72 12.05
N GLU B 158 10.27 33.37 10.89
CA GLU B 158 9.09 34.01 10.38
C GLU B 158 8.10 33.04 9.69
N GLU B 159 6.87 33.51 9.54
CA GLU B 159 5.85 32.77 8.81
C GLU B 159 4.86 33.69 8.10
N MET B 160 4.16 33.12 7.12
CA MET B 160 3.15 33.81 6.37
C MET B 160 2.13 32.81 5.91
N ALA B 161 0.85 33.14 6.10
CA ALA B 161 -0.21 32.21 5.73
C ALA B 161 -1.34 32.94 5.08
N THR B 162 -2.10 32.19 4.27
CA THR B 162 -3.23 32.72 3.52
C THR B 162 -4.19 33.45 4.44
N LYS B 163 -4.51 34.70 4.06
CA LYS B 163 -5.52 35.50 4.73
C LYS B 163 -5.15 35.70 6.22
N ALA B 164 -3.84 35.70 6.49
CA ALA B 164 -3.32 35.80 7.88
C ALA B 164 -4.02 34.85 8.85
N ASP B 165 -4.36 33.65 8.35
CA ASP B 165 -4.97 32.58 9.11
C ASP B 165 -3.96 31.46 9.25
N TYR B 166 -3.49 31.27 10.49
CA TYR B 166 -2.30 30.47 10.77
C TYR B 166 -2.56 29.00 11.11
N THR B 167 -3.84 28.65 11.14
CA THR B 167 -4.28 27.25 11.28
C THR B 167 -3.95 26.61 12.64
N LEU B 168 -2.67 26.45 12.94
CA LEU B 168 -2.21 25.82 14.21
C LEU B 168 -2.04 26.87 15.29
N ASP B 169 -2.04 26.43 16.54
CA ASP B 169 -1.88 27.34 17.64
C ASP B 169 -0.41 27.81 17.75
N GLU B 170 -0.19 28.89 18.48
CA GLU B 170 1.14 29.49 18.56
C GLU B 170 2.24 28.51 18.95
N GLU B 171 1.95 27.62 19.89
CA GLU B 171 3.00 26.72 20.38
C GLU B 171 3.35 25.62 19.38
N SER B 172 2.34 25.12 18.64
CA SER B 172 2.61 24.12 17.60
C SER B 172 3.54 24.75 16.55
N ARG B 173 3.23 25.97 16.13
CA ARG B 173 4.05 26.68 15.12
C ARG B 173 5.45 27.00 15.65
N ALA B 174 5.54 27.29 16.95
CA ALA B 174 6.83 27.61 17.59
C ALA B 174 7.78 26.41 17.59
N ARG B 175 7.25 25.20 17.76
CA ARG B 175 8.10 23.99 17.71
C ARG B 175 8.68 23.72 16.32
N ILE B 176 7.90 24.00 15.28
CA ILE B 176 8.37 23.90 13.89
C ILE B 176 9.46 24.95 13.70
N LYS B 177 9.21 26.16 14.22
CA LYS B 177 10.17 27.24 14.12
C LYS B 177 11.47 26.89 14.86
N THR B 178 11.34 26.23 16.02
CA THR B 178 12.49 25.70 16.81
C THR B 178 13.34 24.70 16.04
N ARG B 179 12.66 23.77 15.38
CA ARG B 179 13.33 22.73 14.62
C ARG B 179 14.13 23.37 13.51
N LEU B 180 13.53 24.34 12.82
CA LEU B 180 14.16 25.01 11.70
C LEU B 180 15.39 25.83 12.09
N PHE B 181 15.28 26.56 13.22
CA PHE B 181 16.42 27.18 13.92
C PHE B 181 17.58 26.20 14.07
N THR B 182 17.27 25.05 14.67
CA THR B 182 18.27 24.04 14.97
C THR B 182 18.97 23.52 13.70
N ILE B 183 18.18 23.18 12.68
CA ILE B 183 18.75 22.80 11.38
C ILE B 183 19.66 23.86 10.82
N ARG B 184 19.17 25.10 10.74
CA ARG B 184 19.98 26.18 10.20
C ARG B 184 21.33 26.35 10.93
N GLN B 185 21.31 26.28 12.26
CA GLN B 185 22.54 26.58 13.04
C GLN B 185 23.53 25.42 12.94
N GLU B 186 23.00 24.20 12.84
CA GLU B 186 23.83 22.98 12.69
C GLU B 186 24.52 22.98 11.30
N MET B 187 23.75 23.29 10.25
CA MET B 187 24.30 23.57 8.90
C MET B 187 25.36 24.66 8.91
N ALA B 188 25.04 25.81 9.51
CA ALA B 188 26.01 26.93 9.55
C ALA B 188 27.34 26.54 10.21
N SER B 189 27.25 25.79 11.31
CA SER B 189 28.43 25.21 11.98
C SER B 189 29.40 24.38 11.11
N ARG B 190 28.84 23.60 10.18
CA ARG B 190 29.63 22.75 9.30
C ARG B 190 30.04 23.45 7.99
N GLY B 191 29.71 24.74 7.86
CA GLY B 191 30.02 25.47 6.63
C GLY B 191 29.02 25.24 5.51
N LEU B 192 27.86 24.69 5.86
CA LEU B 192 26.88 24.22 4.87
C LEU B 192 25.75 25.21 4.51
N TRP B 193 25.51 26.19 5.37
CA TRP B 193 24.31 27.04 5.21
C TRP B 193 24.40 27.95 4.01
N ASP B 194 25.60 28.50 3.76
CA ASP B 194 25.76 29.48 2.68
C ASP B 194 25.30 28.98 1.33
N SER B 195 25.75 27.78 0.97
CA SER B 195 25.30 27.18 -0.29
C SER B 195 23.85 26.72 -0.20
N PHE B 196 23.48 26.08 0.90
CA PHE B 196 22.05 25.74 1.10
C PHE B 196 21.14 26.96 0.91
N ARG B 197 21.48 28.09 1.51
CA ARG B 197 20.71 29.30 1.30
C ARG B 197 20.74 29.84 -0.15
N GLN B 198 21.93 29.95 -0.76
CA GLN B 198 22.03 30.50 -2.13
C GLN B 198 21.33 29.64 -3.16
N SER B 199 21.28 28.33 -2.90
CA SER B 199 20.79 27.39 -3.89
C SER B 199 19.26 27.42 -4.12
N GLU B 200 18.52 28.11 -3.23
CA GLU B 200 17.05 28.11 -3.30
C GLU B 200 16.52 28.58 -4.67
N ARG B 201 15.73 27.70 -5.30
CA ARG B 201 14.98 28.03 -6.52
C ARG B 201 13.47 28.20 -6.28
N GLY B 202 12.91 27.40 -5.37
CA GLY B 202 11.47 27.37 -5.16
C GLY B 202 10.72 26.60 -6.23
N PRO C 2 11.23 23.72 47.39
CA PRO C 2 9.84 23.91 46.97
C PRO C 2 9.22 22.65 46.38
N LEU C 3 7.95 22.44 46.72
CA LEU C 3 7.19 21.31 46.21
C LEU C 3 5.92 21.82 45.52
N GLY C 4 5.95 21.76 44.18
CA GLY C 4 4.78 22.13 43.37
C GLY C 4 3.62 21.15 43.53
N SER C 5 2.46 21.51 42.99
CA SER C 5 1.33 20.61 43.03
C SER C 5 1.25 19.77 41.75
N MET C 6 0.67 18.57 41.88
CA MET C 6 0.42 17.69 40.72
C MET C 6 -0.51 18.32 39.68
N GLU C 7 -1.52 19.06 40.14
CA GLU C 7 -2.41 19.75 39.23
C GLU C 7 -1.71 20.80 38.38
N ASP C 8 -0.87 21.64 39.00
CA ASP C 8 -0.09 22.59 38.23
C ASP C 8 0.82 21.89 37.21
N PHE C 9 1.43 20.78 37.63
CA PHE C 9 2.30 19.98 36.75
C PHE C 9 1.53 19.44 35.57
N VAL C 10 0.34 18.89 35.84
CA VAL C 10 -0.50 18.28 34.80
C VAL C 10 -0.88 19.34 33.75
N ARG C 11 -1.26 20.55 34.21
CA ARG C 11 -1.70 21.57 33.28
C ARG C 11 -0.56 22.19 32.49
N GLN C 12 0.66 22.07 32.99
CA GLN C 12 1.85 22.58 32.30
C GLN C 12 2.49 21.51 31.40
N CYS C 13 2.30 20.23 31.75
CA CYS C 13 2.91 19.09 31.04
C CYS C 13 2.11 18.51 29.88
N PHE C 14 0.78 18.49 29.99
CA PHE C 14 -0.05 17.93 28.93
C PHE C 14 -0.72 19.03 28.09
N ASN C 15 -1.00 18.73 26.83
CA ASN C 15 -1.60 19.74 25.94
C ASN C 15 -3.04 20.01 26.41
N PRO C 16 -3.58 21.22 26.19
CA PRO C 16 -4.91 21.52 26.71
C PRO C 16 -6.04 20.55 26.26
N MET C 17 -5.94 19.99 25.04
CA MET C 17 -6.93 18.98 24.57
C MET C 17 -6.91 17.72 25.44
N ILE C 18 -5.72 17.21 25.72
CA ILE C 18 -5.59 16.09 26.64
C ILE C 18 -6.11 16.44 28.03
N VAL C 19 -5.74 17.61 28.58
CA VAL C 19 -6.17 18.00 29.93
C VAL C 19 -7.70 18.03 29.96
N GLU C 20 -8.28 18.66 28.93
CA GLU C 20 -9.73 18.72 28.80
C GLU C 20 -10.40 17.36 28.69
N LEU C 21 -9.87 16.47 27.88
CA LEU C 21 -10.45 15.12 27.82
C LEU C 21 -10.30 14.39 29.16
N ALA C 22 -9.17 14.60 29.82
CA ALA C 22 -8.96 14.00 31.15
C ALA C 22 -9.97 14.50 32.18
N GLU C 23 -10.22 15.81 32.19
CA GLU C 23 -11.25 16.38 33.08
C GLU C 23 -12.63 15.77 32.81
N LYS C 24 -12.96 15.63 31.54
CA LYS C 24 -14.23 15.01 31.11
C LYS C 24 -14.34 13.58 31.62
N ALA C 25 -13.27 12.81 31.44
CA ALA C 25 -13.26 11.39 31.83
C ALA C 25 -13.45 11.18 33.32
N MET C 26 -12.85 12.05 34.13
CA MET C 26 -13.02 12.01 35.58
C MET C 26 -14.41 12.46 36.00
N LYS C 27 -14.90 13.54 35.40
CA LYS C 27 -16.19 14.13 35.75
C LYS C 27 -17.34 13.16 35.59
N GLU C 28 -17.33 12.39 34.51
CA GLU C 28 -18.42 11.43 34.24
C GLU C 28 -18.40 10.21 35.17
N TYR C 29 -17.35 10.12 35.99
CA TYR C 29 -17.37 9.26 37.18
C TYR C 29 -17.55 10.08 38.47
N GLY C 30 -17.86 11.35 38.32
CA GLY C 30 -18.07 12.25 39.46
C GLY C 30 -16.80 12.82 40.07
N GLU C 31 -15.65 12.25 39.68
CA GLU C 31 -14.36 12.62 40.26
C GLU C 31 -13.86 14.03 39.90
N ASP C 32 -13.11 14.65 40.82
CA ASP C 32 -12.65 16.01 40.64
C ASP C 32 -11.13 15.97 40.42
N PRO C 33 -10.66 16.58 39.31
CA PRO C 33 -9.22 16.68 39.03
C PRO C 33 -8.43 17.37 40.18
N LYS C 34 -8.95 18.46 40.75
CA LYS C 34 -8.20 19.16 41.82
C LYS C 34 -8.14 18.41 43.14
N ILE C 35 -8.93 17.33 43.28
CA ILE C 35 -8.89 16.46 44.46
C ILE C 35 -8.17 15.15 44.20
N GLU C 36 -8.63 14.36 43.23
CA GLU C 36 -7.96 13.10 42.82
C GLU C 36 -6.81 13.39 41.83
N THR C 37 -5.85 14.18 42.29
CA THR C 37 -4.79 14.76 41.46
C THR C 37 -3.83 13.77 40.77
N ASN C 38 -3.39 12.75 41.49
CA ASN C 38 -2.54 11.70 40.89
C ASN C 38 -3.32 10.92 39.83
N LYS C 39 -4.61 10.73 40.09
CA LYS C 39 -5.46 10.05 39.13
C LYS C 39 -5.59 10.86 37.85
N PHE C 40 -5.64 12.19 38.00
CA PHE C 40 -5.73 13.16 36.92
C PHE C 40 -4.48 13.07 36.06
N ALA C 41 -3.28 13.10 36.66
CA ALA C 41 -2.05 12.79 35.89
C ALA C 41 -2.07 11.45 35.17
N ALA C 42 -2.56 10.42 35.83
CA ALA C 42 -2.60 9.05 35.25
C ALA C 42 -3.51 8.97 34.03
N ILE C 43 -4.62 9.72 34.10
CA ILE C 43 -5.61 9.74 33.05
C ILE C 43 -5.08 10.54 31.85
N CYS C 44 -4.44 11.66 32.11
CA CYS C 44 -3.79 12.44 31.03
C CYS C 44 -2.70 11.62 30.33
N THR C 45 -1.99 10.80 31.11
CA THR C 45 -0.88 10.00 30.55
C THR C 45 -1.48 8.92 29.66
N HIS C 46 -2.50 8.26 30.19
CA HIS C 46 -3.18 7.23 29.44
C HIS C 46 -3.76 7.75 28.10
N LEU C 47 -4.43 8.91 28.14
CA LEU C 47 -4.92 9.55 26.92
C LEU C 47 -3.81 9.80 25.93
N GLU C 48 -2.73 10.45 26.39
CA GLU C 48 -1.60 10.71 25.53
C GLU C 48 -1.08 9.46 24.81
N VAL C 49 -0.85 8.38 25.56
CA VAL C 49 -0.43 7.11 25.00
C VAL C 49 -1.42 6.62 23.93
N CYS C 50 -2.72 6.61 24.24
CA CYS C 50 -3.73 6.15 23.27
C CYS C 50 -3.64 6.95 21.97
N PHE C 51 -3.54 8.26 22.11
CA PHE C 51 -3.43 9.15 20.97
C PHE C 51 -2.16 8.89 20.18
N MET C 52 -1.05 8.61 20.88
CA MET C 52 0.22 8.32 20.21
C MET C 52 0.20 6.98 19.49
N TYR C 53 -0.43 5.97 20.13
CA TYR C 53 -0.50 4.60 19.64
C TYR C 53 -1.26 4.56 18.32
N SER C 54 -2.29 5.38 18.22
CA SER C 54 -3.15 5.44 17.07
C SER C 54 -2.65 6.35 15.95
N HIS C 79 -8.19 5.29 8.69
CA HIS C 79 -6.84 5.03 9.21
C HIS C 79 -6.82 3.69 9.97
N ARG C 80 -5.64 3.21 10.35
CA ARG C 80 -5.53 1.86 10.96
C ARG C 80 -6.24 1.69 12.33
N PHE C 81 -6.13 2.72 13.18
CA PHE C 81 -6.70 2.68 14.54
C PHE C 81 -7.91 3.57 14.68
N GLU C 82 -9.01 2.98 15.14
CA GLU C 82 -10.20 3.71 15.51
C GLU C 82 -9.99 4.11 16.97
N ILE C 83 -10.02 5.41 17.26
CA ILE C 83 -9.77 5.88 18.63
C ILE C 83 -11.10 5.89 19.39
N ILE C 84 -11.17 5.10 20.46
CA ILE C 84 -12.40 4.96 21.27
C ILE C 84 -12.34 5.73 22.61
N GLU C 85 -11.22 5.57 23.33
CA GLU C 85 -10.89 6.43 24.47
C GLU C 85 -11.00 7.92 24.12
N GLY C 86 -11.54 8.69 25.05
CA GLY C 86 -11.60 10.15 24.93
C GLY C 86 -12.79 10.63 24.11
N ARG C 87 -13.54 9.73 23.51
CA ARG C 87 -14.73 10.23 22.85
C ARG C 87 -15.98 10.09 23.72
N ASP C 88 -16.98 10.87 23.35
CA ASP C 88 -18.32 10.81 23.91
C ASP C 88 -18.71 9.34 24.13
N ARG C 89 -19.11 8.98 25.35
CA ARG C 89 -19.46 7.59 25.72
C ARG C 89 -20.45 6.94 24.75
N THR C 90 -21.45 7.71 24.37
CA THR C 90 -22.51 7.31 23.45
C THR C 90 -21.92 7.07 22.07
N MET C 91 -21.05 7.98 21.63
CA MET C 91 -20.40 7.88 20.32
C MET C 91 -19.44 6.68 20.32
N ALA C 92 -18.70 6.52 21.41
CA ALA C 92 -17.81 5.37 21.57
C ALA C 92 -18.56 4.04 21.42
N TRP C 93 -19.69 3.89 22.11
CA TRP C 93 -20.45 2.66 22.02
C TRP C 93 -21.00 2.38 20.61
N THR C 94 -21.36 3.44 19.90
CA THR C 94 -21.90 3.28 18.56
C THR C 94 -20.81 2.78 17.59
N VAL C 95 -19.63 3.37 17.72
CA VAL C 95 -18.42 2.89 17.06
C VAL C 95 -18.18 1.41 17.35
N VAL C 96 -18.18 1.04 18.63
CA VAL C 96 -17.93 -0.36 19.07
C VAL C 96 -18.98 -1.36 18.54
N ASN C 97 -20.26 -1.05 18.76
CA ASN C 97 -21.36 -1.86 18.22
C ASN C 97 -21.33 -2.05 16.69
N SER C 98 -21.04 -1.00 15.93
CA SER C 98 -20.97 -1.11 14.46
C SER C 98 -19.82 -2.04 13.97
N ILE C 99 -18.69 -2.03 14.67
CA ILE C 99 -17.61 -3.02 14.52
C ILE C 99 -18.03 -4.46 14.83
N CYS C 100 -18.61 -4.71 16.00
CA CYS C 100 -18.97 -6.08 16.38
C CYS C 100 -20.03 -6.74 15.47
N ASN C 101 -20.93 -5.91 14.96
CA ASN C 101 -21.99 -6.37 14.04
C ASN C 101 -21.44 -6.73 12.66
N THR C 102 -20.40 -6.02 12.23
CA THR C 102 -19.68 -6.36 11.00
C THR C 102 -18.72 -7.56 11.16
N THR C 103 -17.84 -7.50 12.16
CA THR C 103 -16.75 -8.46 12.26
C THR C 103 -17.18 -9.73 12.95
N GLY C 104 -18.19 -9.61 13.82
CA GLY C 104 -18.72 -10.76 14.56
C GLY C 104 -18.18 -11.00 15.96
N VAL C 105 -17.16 -10.23 16.37
CA VAL C 105 -16.59 -10.26 17.74
C VAL C 105 -17.66 -10.16 18.83
N GLU C 106 -17.45 -10.82 19.97
CA GLU C 106 -18.28 -10.56 21.15
C GLU C 106 -18.06 -9.10 21.52
N LYS C 107 -19.13 -8.43 21.93
CA LYS C 107 -19.05 -7.02 22.32
C LYS C 107 -18.17 -6.97 23.58
N PRO C 108 -17.15 -6.09 23.62
CA PRO C 108 -16.45 -5.90 24.93
C PRO C 108 -17.46 -5.57 26.06
N LYS C 109 -17.15 -5.95 27.30
CA LYS C 109 -17.97 -5.62 28.46
C LYS C 109 -17.83 -4.14 28.85
N PHE C 110 -16.64 -3.60 28.61
CA PHE C 110 -16.36 -2.21 28.91
C PHE C 110 -15.78 -1.58 27.65
N LEU C 111 -15.92 -0.27 27.49
CA LEU C 111 -15.38 0.39 26.31
C LEU C 111 -13.85 0.20 26.28
N PRO C 112 -13.33 -0.33 25.17
CA PRO C 112 -11.87 -0.47 25.08
C PRO C 112 -11.24 0.86 24.66
N ASP C 113 -9.95 0.86 24.37
CA ASP C 113 -9.29 2.11 24.00
C ASP C 113 -9.17 2.38 22.51
N LEU C 114 -8.90 1.32 21.75
CA LEU C 114 -8.76 1.41 20.31
C LEU C 114 -9.42 0.23 19.60
N TYR C 115 -9.72 0.43 18.32
CA TYR C 115 -9.89 -0.73 17.39
C TYR C 115 -8.82 -0.71 16.31
N ASP C 116 -8.23 -1.87 16.10
CA ASP C 116 -7.14 -2.09 15.11
C ASP C 116 -7.77 -2.80 13.90
N TYR C 117 -8.00 -2.05 12.82
CA TYR C 117 -8.58 -2.54 11.56
C TYR C 117 -7.66 -3.42 10.76
N LYS C 118 -6.38 -3.45 11.11
CA LYS C 118 -5.46 -4.34 10.47
C LYS C 118 -5.47 -5.72 11.13
N GLU C 119 -5.27 -5.74 12.44
CA GLU C 119 -5.29 -7.00 13.18
C GLU C 119 -6.71 -7.44 13.58
N ASN C 120 -7.69 -6.63 13.23
CA ASN C 120 -9.11 -6.85 13.56
C ASN C 120 -9.41 -7.24 14.99
N ARG C 121 -9.02 -6.36 15.90
CA ARG C 121 -9.38 -6.56 17.29
C ARG C 121 -9.28 -5.25 18.04
N PHE C 122 -9.99 -5.26 19.15
CA PHE C 122 -9.99 -4.17 20.14
C PHE C 122 -8.73 -4.22 20.97
N ILE C 123 -8.36 -3.04 21.47
CA ILE C 123 -7.16 -2.87 22.25
C ILE C 123 -7.52 -2.08 23.52
N GLU C 124 -7.09 -2.63 24.65
CA GLU C 124 -7.01 -1.94 25.92
C GLU C 124 -5.56 -1.53 26.22
N ILE C 125 -5.34 -0.24 26.38
CA ILE C 125 -4.03 0.32 26.76
C ILE C 125 -4.00 0.59 28.25
N GLY C 126 -2.90 0.22 28.90
CA GLY C 126 -2.61 0.67 30.26
C GLY C 126 -1.23 1.26 30.39
N VAL C 127 -1.09 2.20 31.33
CA VAL C 127 0.20 2.76 31.69
C VAL C 127 0.32 2.62 33.19
N THR C 128 1.40 1.99 33.62
CA THR C 128 1.61 1.70 35.03
C THR C 128 2.87 2.34 35.60
N ARG C 129 2.77 2.77 36.87
CA ARG C 129 3.93 3.14 37.70
C ARG C 129 4.54 1.94 38.45
N ARG C 130 3.79 0.84 38.56
CA ARG C 130 4.22 -0.39 39.22
C ARG C 130 4.75 -1.38 38.18
N GLU C 131 4.59 -2.68 38.44
CA GLU C 131 5.08 -3.73 37.53
C GLU C 131 4.06 -4.03 36.44
N VAL C 132 4.52 -4.09 35.17
CA VAL C 132 3.65 -4.41 34.02
C VAL C 132 2.93 -5.75 34.11
N HIS C 133 3.60 -6.76 34.66
CA HIS C 133 2.94 -8.05 34.81
C HIS C 133 1.71 -7.85 35.71
N THR C 134 1.85 -7.11 36.80
CA THR C 134 0.68 -6.88 37.70
C THR C 134 -0.47 -6.14 37.01
N TYR C 135 -0.14 -5.03 36.36
CA TYR C 135 -1.16 -4.20 35.72
C TYR C 135 -1.89 -4.96 34.63
N TYR C 136 -1.12 -5.67 33.78
CA TYR C 136 -1.71 -6.58 32.76
C TYR C 136 -2.81 -7.43 33.36
N LEU C 137 -2.48 -8.12 34.45
CA LEU C 137 -3.44 -9.02 35.10
C LEU C 137 -4.66 -8.28 35.63
N GLU C 138 -4.43 -7.11 36.20
CA GLU C 138 -5.50 -6.25 36.67
C GLU C 138 -6.46 -5.88 35.56
N LYS C 139 -5.91 -5.49 34.39
CA LYS C 139 -6.70 -5.19 33.19
C LYS C 139 -7.45 -6.41 32.67
N ALA C 140 -6.74 -7.54 32.61
CA ALA C 140 -7.35 -8.78 32.15
C ALA C 140 -8.56 -9.16 33.01
N ASN C 141 -8.38 -9.05 34.32
CA ASN C 141 -9.41 -9.44 35.29
C ASN C 141 -10.67 -8.57 35.24
N LYS C 142 -10.51 -7.30 34.85
CA LYS C 142 -11.62 -6.37 34.66
C LYS C 142 -12.44 -6.64 33.39
N ILE C 143 -11.75 -6.74 32.25
CA ILE C 143 -12.41 -6.84 30.93
C ILE C 143 -12.97 -8.22 30.58
N LYS C 144 -12.39 -9.25 31.18
CA LYS C 144 -12.79 -10.65 31.01
C LYS C 144 -13.10 -10.98 29.54
N SER C 145 -12.05 -11.00 28.72
CA SER C 145 -12.19 -11.20 27.28
C SER C 145 -10.99 -11.95 26.75
N GLU C 146 -11.22 -12.92 25.88
CA GLU C 146 -10.12 -13.64 25.26
C GLU C 146 -9.80 -13.09 23.89
N LYS C 147 -10.59 -12.12 23.43
CA LYS C 147 -10.35 -11.49 22.12
C LYS C 147 -9.74 -10.09 22.24
N THR C 148 -10.10 -9.34 23.27
CA THR C 148 -9.56 -7.96 23.39
C THR C 148 -8.07 -8.02 23.71
N HIS C 149 -7.24 -7.35 22.89
CA HIS C 149 -5.80 -7.32 23.08
C HIS C 149 -5.44 -6.30 24.15
N ILE C 150 -4.51 -6.66 25.03
CA ILE C 150 -4.06 -5.74 26.08
C ILE C 150 -2.61 -5.41 25.86
N HIS C 151 -2.28 -4.12 25.95
CA HIS C 151 -0.92 -3.68 25.84
C HIS C 151 -0.64 -2.68 26.96
N ILE C 152 0.31 -3.04 27.81
CA ILE C 152 0.70 -2.24 28.99
C ILE C 152 2.09 -1.65 28.77
N PHE C 153 2.22 -0.37 29.06
CA PHE C 153 3.53 0.31 29.11
C PHE C 153 3.82 0.74 30.56
N SER C 154 5.09 0.90 30.92
CA SER C 154 5.47 1.41 32.21
C SER C 154 6.21 2.72 31.99
N PHE C 155 6.54 3.42 33.08
CA PHE C 155 7.31 4.67 32.94
C PHE C 155 8.84 4.43 32.86
N THR C 156 9.24 3.16 32.84
CA THR C 156 10.66 2.75 32.80
C THR C 156 11.06 2.04 31.50
N GLY C 157 10.12 1.92 30.56
CA GLY C 157 10.40 1.29 29.28
C GLY C 157 9.99 -0.18 29.20
N GLU C 158 9.51 -0.72 30.30
CA GLU C 158 9.01 -2.09 30.34
C GLU C 158 7.62 -2.13 29.67
N GLU C 159 7.28 -3.24 29.01
CA GLU C 159 5.93 -3.38 28.43
C GLU C 159 5.47 -4.84 28.51
N MET C 160 4.16 -5.07 28.42
CA MET C 160 3.65 -6.44 28.35
C MET C 160 2.41 -6.42 27.45
N ALA C 161 2.30 -7.37 26.53
CA ALA C 161 1.13 -7.39 25.67
C ALA C 161 0.64 -8.80 25.46
N THR C 162 -0.65 -8.92 25.23
CA THR C 162 -1.30 -10.19 24.97
C THR C 162 -0.57 -11.02 23.94
N LYS C 163 -0.28 -12.28 24.34
CA LYS C 163 0.37 -13.28 23.49
C LYS C 163 1.75 -12.84 23.00
N ALA C 164 2.42 -11.93 23.72
CA ALA C 164 3.70 -11.37 23.30
C ALA C 164 3.61 -10.81 21.89
N ASP C 165 2.43 -10.27 21.56
CA ASP C 165 2.14 -9.61 20.29
C ASP C 165 1.95 -8.08 20.53
N TYR C 166 2.92 -7.31 20.04
CA TYR C 166 3.10 -5.90 20.45
C TYR C 166 2.50 -4.87 19.47
N THR C 167 1.89 -5.39 18.40
CA THR C 167 1.11 -4.62 17.43
C THR C 167 1.89 -3.62 16.57
N LEU C 168 2.58 -2.69 17.23
CA LEU C 168 3.23 -1.61 16.54
C LEU C 168 4.70 -1.97 16.44
N ASP C 169 5.36 -1.38 15.46
CA ASP C 169 6.81 -1.51 15.35
C ASP C 169 7.58 -0.81 16.48
N GLU C 170 8.83 -1.23 16.65
CA GLU C 170 9.70 -0.77 17.72
C GLU C 170 9.90 0.70 17.73
N GLU C 171 9.92 1.33 16.57
CA GLU C 171 10.17 2.79 16.55
C GLU C 171 8.97 3.57 17.10
N SER C 172 7.76 3.14 16.75
CA SER C 172 6.53 3.76 17.26
C SER C 172 6.46 3.61 18.77
N ARG C 173 6.75 2.41 19.27
CA ARG C 173 6.73 2.16 20.70
C ARG C 173 7.82 2.93 21.44
N ALA C 174 9.00 3.03 20.86
CA ALA C 174 10.08 3.79 21.49
C ALA C 174 9.67 5.26 21.67
N ARG C 175 8.88 5.80 20.74
CA ARG C 175 8.41 7.17 20.86
C ARG C 175 7.47 7.35 22.09
N ILE C 176 6.64 6.34 22.30
CA ILE C 176 5.73 6.31 23.46
C ILE C 176 6.54 6.15 24.74
N LYS C 177 7.43 5.16 24.74
CA LYS C 177 8.28 4.93 25.91
C LYS C 177 9.13 6.17 26.26
N THR C 178 9.52 6.92 25.24
CA THR C 178 10.33 8.14 25.42
C THR C 178 9.51 9.33 25.98
N ARG C 179 8.23 9.38 25.63
CA ARG C 179 7.35 10.38 26.20
C ARG C 179 7.13 10.06 27.70
N LEU C 180 6.94 8.77 28.03
CA LEU C 180 6.67 8.35 29.41
C LEU C 180 7.91 8.61 30.30
N PHE C 181 9.09 8.35 29.73
CA PHE C 181 10.34 8.70 30.37
C PHE C 181 10.46 10.17 30.72
N THR C 182 10.16 11.03 29.75
CA THR C 182 10.19 12.49 29.91
C THR C 182 9.20 12.93 31.00
N ILE C 183 8.01 12.34 31.03
CA ILE C 183 7.03 12.68 32.09
C ILE C 183 7.56 12.28 33.46
N ARG C 184 8.04 11.04 33.58
CA ARG C 184 8.62 10.53 34.82
C ARG C 184 9.81 11.40 35.32
N GLN C 185 10.75 11.72 34.44
CA GLN C 185 11.87 12.56 34.81
C GLN C 185 11.44 13.95 35.24
N GLU C 186 10.47 14.54 34.54
CA GLU C 186 9.96 15.86 34.94
C GLU C 186 9.34 15.83 36.35
N MET C 187 8.50 14.83 36.60
CA MET C 187 7.93 14.63 37.95
C MET C 187 9.03 14.44 39.00
N ALA C 188 10.03 13.61 38.66
CA ALA C 188 11.14 13.30 39.57
C ALA C 188 11.96 14.56 39.89
N SER C 189 12.19 15.40 38.88
CA SER C 189 12.94 16.63 39.09
C SER C 189 12.14 17.62 40.00
N ARG C 190 10.82 17.48 39.99
CA ARG C 190 9.91 18.34 40.78
C ARG C 190 9.50 17.73 42.14
N GLY C 191 9.99 16.53 42.43
CA GLY C 191 9.70 15.86 43.68
C GLY C 191 8.30 15.29 43.78
N LEU C 192 7.63 15.13 42.62
CA LEU C 192 6.26 14.62 42.53
C LEU C 192 6.18 13.10 42.25
N TRP C 193 7.25 12.54 41.68
CA TRP C 193 7.24 11.16 41.18
C TRP C 193 6.93 10.17 42.30
N ASP C 194 7.45 10.47 43.49
CA ASP C 194 7.34 9.47 44.54
C ASP C 194 5.91 9.26 45.02
N SER C 195 5.20 10.35 45.25
CA SER C 195 3.80 10.27 45.70
C SER C 195 2.92 9.69 44.58
N PHE C 196 3.17 10.16 43.35
CA PHE C 196 2.54 9.60 42.14
C PHE C 196 2.75 8.09 42.00
N ARG C 197 4.00 7.63 42.08
CA ARG C 197 4.32 6.20 42.03
C ARG C 197 3.59 5.40 43.13
N GLN C 198 3.53 5.97 44.34
CA GLN C 198 2.92 5.30 45.49
C GLN C 198 1.38 5.29 45.50
N SER C 199 0.77 6.30 44.87
CA SER C 199 -0.68 6.38 44.81
C SER C 199 -1.38 5.33 43.95
N GLU C 200 -0.64 4.62 43.10
CA GLU C 200 -1.28 3.65 42.21
C GLU C 200 -1.91 2.49 43.02
N ARG C 201 -3.23 2.41 42.96
CA ARG C 201 -3.96 1.37 43.71
C ARG C 201 -4.22 0.12 42.84
N GLY C 202 -4.94 -0.85 43.38
CA GLY C 202 -5.19 -2.10 42.66
C GLY C 202 -6.57 -2.21 42.05
N PRO D 2 -15.68 -43.95 -29.11
CA PRO D 2 -14.79 -42.84 -29.52
C PRO D 2 -14.01 -42.30 -28.32
N LEU D 3 -12.69 -42.45 -28.37
CA LEU D 3 -11.87 -42.26 -27.21
C LEU D 3 -10.76 -41.27 -27.51
N GLY D 4 -10.85 -40.12 -26.87
CA GLY D 4 -9.87 -39.07 -27.01
C GLY D 4 -8.59 -39.36 -26.24
N SER D 5 -7.53 -38.68 -26.64
CA SER D 5 -6.29 -38.78 -25.92
C SER D 5 -6.23 -37.77 -24.76
N MET D 6 -5.44 -38.10 -23.74
CA MET D 6 -5.20 -37.18 -22.62
C MET D 6 -4.65 -35.84 -23.11
N GLU D 7 -3.67 -35.89 -24.03
CA GLU D 7 -3.08 -34.65 -24.53
C GLU D 7 -4.10 -33.73 -25.18
N ASP D 8 -5.00 -34.31 -25.97
CA ASP D 8 -6.11 -33.58 -26.57
C ASP D 8 -7.06 -32.97 -25.52
N PHE D 9 -7.37 -33.75 -24.48
CA PHE D 9 -8.18 -33.25 -23.37
C PHE D 9 -7.55 -32.00 -22.75
N VAL D 10 -6.29 -32.12 -22.35
CA VAL D 10 -5.58 -31.01 -21.72
C VAL D 10 -5.67 -29.70 -22.55
N ARG D 11 -5.29 -29.76 -23.83
CA ARG D 11 -5.35 -28.56 -24.72
C ARG D 11 -6.75 -27.98 -24.91
N GLN D 12 -7.75 -28.83 -24.78
CA GLN D 12 -9.14 -28.39 -24.77
C GLN D 12 -9.57 -27.90 -23.35
N CYS D 13 -9.12 -28.60 -22.31
CA CYS D 13 -9.69 -28.41 -20.96
C CYS D 13 -9.22 -27.12 -20.31
N PHE D 14 -7.98 -26.74 -20.61
CA PHE D 14 -7.32 -25.64 -19.94
C PHE D 14 -7.18 -24.42 -20.84
N ASN D 15 -7.13 -23.25 -20.20
CA ASN D 15 -6.94 -21.96 -20.87
C ASN D 15 -5.52 -21.93 -21.50
N PRO D 16 -5.39 -21.38 -22.73
CA PRO D 16 -4.10 -21.43 -23.45
C PRO D 16 -2.89 -20.78 -22.76
N MET D 17 -3.13 -19.77 -21.92
CA MET D 17 -2.10 -19.20 -21.02
C MET D 17 -1.57 -20.32 -20.11
N ILE D 18 -2.46 -21.10 -19.53
CA ILE D 18 -2.05 -22.21 -18.67
C ILE D 18 -1.32 -23.32 -19.41
N VAL D 19 -1.91 -23.81 -20.52
CA VAL D 19 -1.27 -24.78 -21.40
C VAL D 19 0.14 -24.30 -21.84
N GLU D 20 0.26 -23.04 -22.26
CA GLU D 20 1.59 -22.51 -22.63
C GLU D 20 2.62 -22.58 -21.52
N LEU D 21 2.20 -22.24 -20.29
CA LEU D 21 3.15 -22.21 -19.17
C LEU D 21 3.46 -23.62 -18.74
N ALA D 22 2.48 -24.51 -18.83
CA ALA D 22 2.72 -25.94 -18.52
C ALA D 22 3.76 -26.52 -19.50
N GLU D 23 3.59 -26.18 -20.78
CA GLU D 23 4.51 -26.59 -21.86
C GLU D 23 5.92 -26.07 -21.57
N LYS D 24 6.03 -24.75 -21.38
CA LYS D 24 7.29 -24.12 -20.92
C LYS D 24 7.92 -24.83 -19.72
N ALA D 25 7.11 -25.17 -18.71
CA ALA D 25 7.60 -25.83 -17.49
C ALA D 25 8.12 -27.24 -17.72
N MET D 26 7.43 -27.96 -18.59
CA MET D 26 7.89 -29.27 -19.06
C MET D 26 9.16 -29.15 -19.93
N LYS D 27 9.17 -28.18 -20.84
CA LYS D 27 10.27 -27.90 -21.81
C LYS D 27 11.60 -27.39 -21.23
N GLU D 28 11.59 -26.85 -20.02
CA GLU D 28 12.86 -26.47 -19.34
C GLU D 28 13.38 -27.61 -18.45
N TYR D 29 12.60 -28.68 -18.39
CA TYR D 29 13.04 -29.94 -17.75
C TYR D 29 13.22 -31.02 -18.81
N GLY D 30 12.93 -30.68 -20.07
CA GLY D 30 13.16 -31.58 -21.20
C GLY D 30 12.12 -32.66 -21.42
N GLU D 31 11.06 -32.61 -20.61
CA GLU D 31 9.89 -33.48 -20.73
C GLU D 31 9.00 -33.02 -21.85
N ASP D 32 8.42 -33.98 -22.56
CA ASP D 32 7.55 -33.65 -23.66
C ASP D 32 6.10 -33.85 -23.21
N PRO D 33 5.26 -32.81 -23.39
CA PRO D 33 3.82 -32.87 -23.14
C PRO D 33 3.11 -33.93 -24.00
N LYS D 34 3.70 -34.27 -25.15
CA LYS D 34 3.12 -35.25 -26.06
C LYS D 34 3.44 -36.68 -25.60
N ILE D 35 4.39 -36.81 -24.69
CA ILE D 35 4.79 -38.11 -24.17
C ILE D 35 4.36 -38.34 -22.71
N GLU D 36 4.74 -37.43 -21.82
CA GLU D 36 4.30 -37.55 -20.42
C GLU D 36 3.01 -36.78 -20.27
N THR D 37 1.93 -37.40 -20.71
CA THR D 37 0.63 -36.77 -20.87
C THR D 37 -0.16 -36.62 -19.55
N ASN D 38 0.06 -37.56 -18.62
CA ASN D 38 -0.43 -37.45 -17.25
C ASN D 38 0.27 -36.30 -16.49
N LYS D 39 1.59 -36.23 -16.63
CA LYS D 39 2.34 -35.11 -16.10
C LYS D 39 1.79 -33.80 -16.66
N PHE D 40 1.57 -33.76 -17.97
CA PHE D 40 1.08 -32.57 -18.66
C PHE D 40 -0.20 -32.08 -17.98
N ALA D 41 -1.14 -33.01 -17.81
CA ALA D 41 -2.40 -32.65 -17.18
C ALA D 41 -2.19 -32.19 -15.73
N ALA D 42 -1.33 -32.88 -14.99
CA ALA D 42 -1.06 -32.52 -13.58
C ALA D 42 -0.45 -31.12 -13.42
N ILE D 43 0.45 -30.73 -14.33
CA ILE D 43 1.09 -29.43 -14.26
C ILE D 43 0.11 -28.33 -14.59
N CYS D 44 -0.74 -28.55 -15.61
CA CYS D 44 -1.77 -27.57 -15.99
C CYS D 44 -2.72 -27.34 -14.79
N THR D 45 -3.13 -28.46 -14.19
CA THR D 45 -4.08 -28.44 -13.03
C THR D 45 -3.43 -27.64 -11.90
N HIS D 46 -2.22 -28.03 -11.53
CA HIS D 46 -1.45 -27.33 -10.50
C HIS D 46 -1.26 -25.83 -10.79
N LEU D 47 -0.85 -25.46 -12.01
CA LEU D 47 -0.78 -24.05 -12.37
C LEU D 47 -2.09 -23.32 -12.16
N GLU D 48 -3.18 -23.85 -12.70
CA GLU D 48 -4.47 -23.20 -12.52
C GLU D 48 -4.79 -22.94 -11.04
N VAL D 49 -4.52 -23.92 -10.20
CA VAL D 49 -4.84 -23.83 -8.79
C VAL D 49 -3.97 -22.77 -8.15
N CYS D 50 -2.67 -22.74 -8.49
CA CYS D 50 -1.81 -21.65 -8.01
C CYS D 50 -2.36 -20.27 -8.39
N PHE D 51 -2.76 -20.08 -9.66
CA PHE D 51 -3.31 -18.79 -10.08
C PHE D 51 -4.59 -18.38 -9.34
N MET D 52 -5.53 -19.32 -9.20
CA MET D 52 -6.77 -19.13 -8.42
C MET D 52 -6.51 -18.79 -6.94
N TYR D 53 -5.51 -19.46 -6.34
CA TYR D 53 -5.14 -19.28 -4.94
C TYR D 53 -4.68 -17.84 -4.71
N SER D 54 -3.93 -17.31 -5.68
CA SER D 54 -3.42 -15.94 -5.54
C SER D 54 -4.47 -14.86 -5.87
N ARG D 80 -1.95 -9.38 -1.95
CA ARG D 80 -1.55 -10.31 -0.88
C ARG D 80 -0.56 -11.42 -1.27
N PHE D 81 -0.70 -12.00 -2.46
CA PHE D 81 0.14 -13.14 -2.88
C PHE D 81 1.07 -12.78 -4.02
N GLU D 82 2.31 -13.23 -3.93
CA GLU D 82 3.19 -13.23 -5.08
C GLU D 82 3.09 -14.63 -5.70
N ILE D 83 2.93 -14.72 -7.01
CA ILE D 83 3.05 -16.02 -7.67
C ILE D 83 4.50 -16.27 -8.12
N ILE D 84 5.00 -17.45 -7.75
CA ILE D 84 6.36 -17.86 -8.03
C ILE D 84 6.29 -19.03 -9.01
N GLU D 85 5.34 -19.94 -8.80
CA GLU D 85 5.07 -21.03 -9.76
C GLU D 85 4.72 -20.40 -11.12
N GLY D 86 5.08 -21.09 -12.21
CA GLY D 86 4.79 -20.56 -13.56
C GLY D 86 5.93 -19.78 -14.18
N ARG D 87 6.93 -19.40 -13.37
CA ARG D 87 8.02 -18.56 -13.87
C ARG D 87 9.14 -19.45 -14.30
N ASP D 88 9.97 -19.01 -15.24
CA ASP D 88 11.18 -19.78 -15.48
C ASP D 88 12.01 -19.75 -14.21
N ARG D 89 12.88 -20.74 -14.07
CA ARG D 89 13.74 -20.91 -12.89
C ARG D 89 14.44 -19.61 -12.48
N THR D 90 14.96 -18.88 -13.48
CA THR D 90 15.68 -17.62 -13.22
C THR D 90 14.78 -16.54 -12.65
N MET D 91 13.64 -16.31 -13.31
CA MET D 91 12.65 -15.34 -12.84
C MET D 91 12.14 -15.75 -11.44
N ALA D 92 11.86 -17.03 -11.27
CA ALA D 92 11.34 -17.59 -10.01
C ALA D 92 12.29 -17.37 -8.82
N TRP D 93 13.56 -17.70 -8.97
CA TRP D 93 14.51 -17.39 -7.90
C TRP D 93 14.80 -15.92 -7.68
N THR D 94 14.70 -15.08 -8.71
CA THR D 94 14.93 -13.64 -8.48
C THR D 94 13.79 -12.98 -7.70
N VAL D 95 12.56 -13.45 -7.90
CA VAL D 95 11.45 -13.00 -7.07
C VAL D 95 11.61 -13.54 -5.63
N VAL D 96 12.01 -14.80 -5.48
CA VAL D 96 12.24 -15.36 -4.17
C VAL D 96 13.34 -14.59 -3.42
N ASN D 97 14.45 -14.33 -4.11
CA ASN D 97 15.54 -13.63 -3.44
C ASN D 97 15.14 -12.22 -3.04
N SER D 98 14.38 -11.54 -3.90
CA SER D 98 13.98 -10.16 -3.64
C SER D 98 13.06 -10.09 -2.42
N ILE D 99 12.13 -11.04 -2.31
CA ILE D 99 11.28 -11.21 -1.10
C ILE D 99 12.11 -11.47 0.17
N CYS D 100 13.08 -12.36 0.08
CA CYS D 100 13.92 -12.67 1.23
C CYS D 100 14.68 -11.43 1.67
N ASN D 101 15.15 -10.64 0.72
CA ASN D 101 15.94 -9.44 1.08
C ASN D 101 15.08 -8.35 1.73
N THR D 102 13.84 -8.22 1.27
CA THR D 102 12.96 -7.16 1.74
C THR D 102 12.18 -7.52 2.98
N THR D 103 11.58 -8.71 3.01
CA THR D 103 10.79 -9.11 4.16
C THR D 103 11.69 -9.77 5.18
N GLY D 104 12.90 -10.15 4.74
CA GLY D 104 13.84 -10.86 5.62
C GLY D 104 13.61 -12.34 5.80
N VAL D 105 12.53 -12.90 5.23
CA VAL D 105 12.20 -14.30 5.49
C VAL D 105 13.33 -15.23 5.01
N GLU D 106 13.56 -16.31 5.74
CA GLU D 106 14.50 -17.36 5.36
C GLU D 106 14.29 -17.78 3.91
N LYS D 107 15.39 -17.88 3.18
CA LYS D 107 15.34 -18.38 1.79
C LYS D 107 15.04 -19.86 1.78
N PRO D 108 14.01 -20.29 1.01
CA PRO D 108 13.69 -21.73 1.00
C PRO D 108 14.73 -22.55 0.22
N LYS D 109 14.89 -23.79 0.61
CA LYS D 109 15.76 -24.77 -0.04
C LYS D 109 15.25 -25.09 -1.45
N PHE D 110 13.94 -25.25 -1.55
CA PHE D 110 13.28 -25.65 -2.77
C PHE D 110 12.35 -24.53 -3.18
N LEU D 111 12.27 -24.23 -4.48
CA LEU D 111 11.37 -23.17 -4.98
C LEU D 111 9.93 -23.49 -4.56
N PRO D 112 9.27 -22.53 -3.90
CA PRO D 112 7.85 -22.74 -3.49
C PRO D 112 6.90 -22.22 -4.56
N ASP D 113 5.59 -22.18 -4.27
CA ASP D 113 4.61 -21.85 -5.25
C ASP D 113 4.15 -20.43 -5.19
N LEU D 114 4.00 -19.93 -3.96
CA LEU D 114 3.52 -18.59 -3.68
C LEU D 114 4.25 -18.03 -2.47
N TYR D 115 4.16 -16.73 -2.34
CA TYR D 115 4.51 -16.01 -1.10
C TYR D 115 3.29 -15.25 -0.59
N ASP D 116 2.97 -15.42 0.70
CA ASP D 116 1.86 -14.73 1.34
C ASP D 116 2.42 -13.54 2.13
N TYR D 117 2.14 -12.31 1.67
CA TYR D 117 2.57 -11.06 2.33
C TYR D 117 1.84 -10.74 3.61
N LYS D 118 0.67 -11.33 3.81
CA LYS D 118 -0.10 -11.12 5.03
C LYS D 118 0.43 -12.03 6.15
N GLU D 119 0.61 -13.32 5.88
CA GLU D 119 1.18 -14.23 6.88
C GLU D 119 2.71 -14.26 6.85
N ASN D 120 3.30 -13.53 5.90
CA ASN D 120 4.75 -13.56 5.64
C ASN D 120 5.38 -14.94 5.65
N ARG D 121 4.92 -15.80 4.72
CA ARG D 121 5.36 -17.18 4.67
C ARG D 121 5.22 -17.61 3.23
N PHE D 122 6.19 -18.38 2.74
CA PHE D 122 6.06 -19.09 1.46
C PHE D 122 5.01 -20.21 1.56
N ILE D 123 4.47 -20.57 0.39
CA ILE D 123 3.45 -21.59 0.33
C ILE D 123 3.79 -22.60 -0.76
N GLU D 124 3.66 -23.88 -0.41
CA GLU D 124 3.71 -25.00 -1.36
C GLU D 124 2.27 -25.49 -1.61
N ILE D 125 1.84 -25.52 -2.86
CA ILE D 125 0.48 -26.02 -3.22
C ILE D 125 0.65 -27.45 -3.78
N GLY D 126 -0.19 -28.39 -3.35
CA GLY D 126 -0.24 -29.70 -4.01
C GLY D 126 -1.64 -29.99 -4.52
N VAL D 127 -1.71 -30.65 -5.66
CA VAL D 127 -2.97 -31.18 -6.13
C VAL D 127 -2.75 -32.71 -6.26
N THR D 128 -3.57 -33.53 -5.60
CA THR D 128 -3.39 -34.98 -5.66
C THR D 128 -4.65 -35.69 -6.23
N ARG D 129 -4.42 -36.80 -6.93
CA ARG D 129 -5.50 -37.73 -7.23
C ARG D 129 -5.49 -38.88 -6.20
N ARG D 130 -4.68 -38.76 -5.18
CA ARG D 130 -4.62 -39.76 -4.12
C ARG D 130 -5.28 -39.18 -2.87
N GLU D 131 -4.90 -39.65 -1.69
CA GLU D 131 -5.48 -39.11 -0.47
C GLU D 131 -4.70 -37.87 -0.09
N VAL D 132 -5.40 -36.80 0.30
CA VAL D 132 -4.72 -35.52 0.61
C VAL D 132 -3.67 -35.61 1.70
N HIS D 133 -3.97 -36.35 2.78
CA HIS D 133 -3.02 -36.45 3.87
C HIS D 133 -1.72 -37.15 3.43
N THR D 134 -1.84 -38.19 2.59
CA THR D 134 -0.66 -38.86 2.00
C THR D 134 0.23 -37.89 1.21
N TYR D 135 -0.36 -37.14 0.29
CA TYR D 135 0.38 -36.12 -0.47
C TYR D 135 0.92 -34.99 0.42
N TYR D 136 0.12 -34.59 1.40
CA TYR D 136 0.58 -33.64 2.42
C TYR D 136 1.90 -34.06 3.12
N LEU D 137 1.92 -35.32 3.54
CA LEU D 137 3.07 -35.81 4.30
C LEU D 137 4.30 -35.98 3.46
N GLU D 138 4.13 -36.48 2.24
CA GLU D 138 5.22 -36.50 1.24
C GLU D 138 5.88 -35.14 1.14
N LYS D 139 5.07 -34.10 0.88
CA LYS D 139 5.56 -32.73 0.81
C LYS D 139 6.28 -32.30 2.09
N ALA D 140 5.63 -32.56 3.23
CA ALA D 140 6.19 -32.22 4.52
C ALA D 140 7.54 -32.92 4.71
N ASN D 141 7.61 -34.19 4.29
CA ASN D 141 8.86 -34.99 4.27
C ASN D 141 9.99 -34.37 3.43
N LYS D 142 9.64 -33.93 2.22
CA LYS D 142 10.57 -33.44 1.21
C LYS D 142 11.06 -32.06 1.56
N ILE D 143 10.14 -31.11 1.57
CA ILE D 143 10.54 -29.71 1.54
C ILE D 143 11.31 -29.30 2.80
N LYS D 144 11.01 -29.99 3.92
CA LYS D 144 11.32 -29.54 5.28
C LYS D 144 10.37 -28.40 5.58
N SER D 145 9.22 -28.73 6.17
CA SER D 145 8.11 -27.78 6.19
C SER D 145 8.04 -26.93 7.45
N GLU D 146 9.08 -26.14 7.73
CA GLU D 146 9.00 -25.42 9.02
C GLU D 146 7.95 -24.31 9.23
N LYS D 147 7.88 -23.23 8.42
CA LYS D 147 8.71 -22.79 7.28
C LYS D 147 7.86 -22.47 6.05
N THR D 148 7.79 -23.42 5.12
CA THR D 148 6.90 -23.28 3.99
C THR D 148 5.57 -23.97 4.32
N HIS D 149 4.50 -23.17 4.40
CA HIS D 149 3.13 -23.67 4.62
C HIS D 149 2.70 -24.53 3.43
N ILE D 150 1.95 -25.59 3.70
CA ILE D 150 1.58 -26.52 2.67
C ILE D 150 0.06 -26.57 2.62
N HIS D 151 -0.50 -26.51 1.40
CA HIS D 151 -1.95 -26.62 1.22
C HIS D 151 -2.19 -27.55 0.05
N ILE D 152 -2.87 -28.68 0.34
CA ILE D 152 -3.07 -29.73 -0.60
C ILE D 152 -4.55 -29.77 -0.94
N PHE D 153 -4.85 -29.90 -2.23
CA PHE D 153 -6.20 -30.08 -2.73
C PHE D 153 -6.32 -31.44 -3.41
N SER D 154 -7.50 -32.05 -3.34
CA SER D 154 -7.74 -33.23 -4.16
C SER D 154 -8.79 -32.95 -5.21
N PHE D 155 -8.96 -33.88 -6.14
CA PHE D 155 -9.99 -33.76 -7.19
C PHE D 155 -11.39 -34.10 -6.67
N THR D 156 -11.44 -34.68 -5.47
CA THR D 156 -12.68 -35.02 -4.78
C THR D 156 -13.32 -33.86 -4.00
N GLY D 157 -12.59 -32.75 -3.80
CA GLY D 157 -13.10 -31.66 -2.99
C GLY D 157 -12.47 -31.57 -1.61
N GLU D 158 -11.61 -32.54 -1.27
CA GLU D 158 -10.95 -32.54 0.03
C GLU D 158 -9.74 -31.63 0.02
N GLU D 159 -9.29 -31.25 1.20
CA GLU D 159 -8.06 -30.45 1.32
C GLU D 159 -7.37 -30.73 2.62
N MET D 160 -6.08 -30.38 2.66
CA MET D 160 -5.34 -30.47 3.89
C MET D 160 -4.25 -29.43 3.90
N ALA D 161 -4.18 -28.67 4.99
CA ALA D 161 -3.23 -27.56 5.12
C ALA D 161 -2.47 -27.65 6.42
N THR D 162 -1.21 -27.18 6.40
CA THR D 162 -0.39 -27.11 7.62
C THR D 162 -1.15 -26.52 8.81
N LYS D 163 -1.10 -27.26 9.92
CA LYS D 163 -1.71 -26.84 11.21
C LYS D 163 -3.18 -26.48 11.10
N ALA D 164 -3.89 -27.11 10.15
CA ALA D 164 -5.29 -26.80 9.87
C ALA D 164 -5.51 -25.29 9.73
N ASP D 165 -4.51 -24.62 9.16
CA ASP D 165 -4.59 -23.21 8.87
C ASP D 165 -4.76 -23.09 7.35
N TYR D 166 -5.99 -22.76 6.93
CA TYR D 166 -6.42 -22.82 5.51
C TYR D 166 -6.10 -21.60 4.64
N THR D 167 -5.59 -20.52 5.28
CA THR D 167 -5.09 -19.30 4.62
C THR D 167 -6.17 -18.50 3.92
N LEU D 168 -6.82 -19.14 2.95
CA LEU D 168 -7.90 -18.52 2.23
C LEU D 168 -9.26 -18.73 2.88
N ASP D 169 -10.18 -17.86 2.56
CA ASP D 169 -11.53 -17.95 3.12
C ASP D 169 -12.28 -19.07 2.38
N GLU D 170 -13.42 -19.47 2.95
CA GLU D 170 -14.15 -20.62 2.42
C GLU D 170 -14.66 -20.40 1.02
N GLU D 171 -15.03 -19.16 0.66
CA GLU D 171 -15.48 -18.85 -0.69
C GLU D 171 -14.40 -19.05 -1.78
N SER D 172 -13.16 -18.58 -1.56
CA SER D 172 -12.03 -18.87 -2.47
C SER D 172 -11.67 -20.36 -2.56
N ARG D 173 -11.64 -21.05 -1.43
CA ARG D 173 -11.38 -22.47 -1.47
C ARG D 173 -12.49 -23.25 -2.20
N ALA D 174 -13.74 -22.86 -2.00
CA ALA D 174 -14.84 -23.48 -2.74
C ALA D 174 -14.66 -23.36 -4.28
N ARG D 175 -14.27 -22.16 -4.76
CA ARG D 175 -13.98 -21.94 -6.18
C ARG D 175 -12.91 -22.89 -6.71
N ILE D 176 -11.83 -23.06 -5.96
CA ILE D 176 -10.77 -24.02 -6.32
C ILE D 176 -11.28 -25.48 -6.36
N LYS D 177 -11.94 -25.92 -5.28
CA LYS D 177 -12.38 -27.31 -5.18
C LYS D 177 -13.39 -27.60 -6.31
N THR D 178 -14.19 -26.59 -6.70
CA THR D 178 -15.25 -26.74 -7.71
C THR D 178 -14.59 -26.88 -9.08
N ARG D 179 -13.50 -26.15 -9.30
CA ARG D 179 -12.74 -26.29 -10.54
C ARG D 179 -12.10 -27.67 -10.64
N LEU D 180 -11.54 -28.19 -9.56
CA LEU D 180 -10.88 -29.49 -9.61
C LEU D 180 -11.93 -30.56 -9.85
N PHE D 181 -13.06 -30.40 -9.15
CA PHE D 181 -14.19 -31.25 -9.38
C PHE D 181 -14.61 -31.26 -10.87
N THR D 182 -14.79 -30.10 -11.51
CA THR D 182 -15.13 -29.98 -12.93
C THR D 182 -14.12 -30.65 -13.89
N ILE D 183 -12.83 -30.35 -13.69
CA ILE D 183 -11.76 -31.10 -14.34
C ILE D 183 -11.91 -32.62 -14.25
N ARG D 184 -12.07 -33.14 -13.03
CA ARG D 184 -12.17 -34.58 -12.76
C ARG D 184 -13.35 -35.18 -13.52
N GLN D 185 -14.46 -34.45 -13.54
CA GLN D 185 -15.67 -34.80 -14.28
C GLN D 185 -15.50 -34.69 -15.81
N GLU D 186 -14.85 -33.63 -16.29
CA GLU D 186 -14.57 -33.47 -17.73
C GLU D 186 -13.73 -34.66 -18.24
N MET D 187 -12.77 -35.12 -17.43
CA MET D 187 -12.02 -36.33 -17.72
C MET D 187 -12.95 -37.55 -17.77
N ALA D 188 -14.05 -37.52 -17.02
CA ALA D 188 -15.05 -38.62 -16.99
C ALA D 188 -16.00 -38.58 -18.20
N SER D 189 -16.45 -37.40 -18.60
CA SER D 189 -17.26 -37.26 -19.80
C SER D 189 -16.51 -37.69 -21.08
N ARG D 190 -15.18 -37.55 -21.03
CA ARG D 190 -14.21 -37.87 -22.08
C ARG D 190 -13.69 -39.33 -21.91
N GLY D 191 -13.80 -39.88 -20.71
CA GLY D 191 -13.33 -41.25 -20.42
C GLY D 191 -11.93 -41.45 -19.89
N LEU D 192 -11.28 -40.35 -19.47
CA LEU D 192 -9.85 -40.31 -19.07
C LEU D 192 -9.48 -40.45 -17.59
N TRP D 193 -10.46 -40.32 -16.68
CA TRP D 193 -10.17 -40.15 -15.25
C TRP D 193 -9.42 -41.33 -14.59
N ASP D 194 -9.91 -42.55 -14.81
CA ASP D 194 -9.39 -43.72 -14.10
C ASP D 194 -7.87 -43.94 -14.08
N SER D 195 -7.19 -43.69 -15.20
CA SER D 195 -5.73 -43.93 -15.29
C SER D 195 -4.86 -42.74 -14.92
N PHE D 196 -5.38 -41.52 -15.12
CA PHE D 196 -4.76 -40.31 -14.57
C PHE D 196 -4.58 -40.51 -13.05
N ARG D 197 -5.67 -40.88 -12.41
CA ARG D 197 -5.69 -41.29 -11.01
C ARG D 197 -4.56 -42.30 -10.73
N GLN D 198 -4.60 -43.45 -11.40
CA GLN D 198 -3.67 -44.54 -11.14
C GLN D 198 -2.18 -44.22 -11.39
N SER D 199 -1.92 -43.24 -12.26
CA SER D 199 -0.56 -42.84 -12.63
C SER D 199 0.22 -41.95 -11.66
N GLU D 200 -0.38 -41.49 -10.56
CA GLU D 200 0.36 -40.61 -9.64
C GLU D 200 1.47 -41.34 -8.86
N ARG D 201 2.69 -40.80 -8.91
CA ARG D 201 3.86 -41.44 -8.28
C ARG D 201 4.47 -40.62 -7.12
N GLY D 202 5.68 -41.01 -6.70
CA GLY D 202 6.39 -40.34 -5.59
C GLY D 202 6.64 -38.85 -5.82
#